data_3G7S
#
_entry.id   3G7S
#
_cell.length_a   58.038
_cell.length_b   105.070
_cell.length_c   182.295
_cell.angle_alpha   90.00
_cell.angle_beta   90.00
_cell.angle_gamma   90.00
#
_symmetry.space_group_name_H-M   'P 21 21 21'
#
loop_
_entity.id
_entity.type
_entity.pdbx_description
1 polymer 'Long-chain-fatty-acid--CoA ligase (FadD-1)'
2 water water
#
_entity_poly.entity_id   1
_entity_poly.type   'polypeptide(L)'
_entity_poly.pdbx_seq_one_letter_code
;(MSE)SLELKYKIGFPSLYYPKISLADRIDAAAEKFGEKTAIISAEPKFPSEFPES(MSE)NFLEICEVTKKLASGISRK
GVRKGEHVGVCIPNSIDYV(MSE)TIYALWRVAATPVPINP(MSE)YKSFELEHILNDSEATTLVVHS(MSE)LYENFKP
VLEKTGVERVFVVGGEVNSLSEV(MSE)DSGSEDFENVKVNPEEDVALIPYTGGTTG(MSE)PKGV(MSE)LTHFNLAAN
ALQLAVATGLSH(MSE)DTIVGC(MSE)P(MSE)FHSAEFGLVNL(MSE)VTVGNEYVV(MSE)G(MSE)FNQE(MSE)L
AENIEKYKGTFSWAVPPALNVLVNTLESSNKTYDWSYLKVFATGAWPVAPALVEKLLKLAAEKCNNPRLRHNQIWG
(MSE)TEACP(MSE)VTTNPPLRLDKSTTQGVP(MSE)SDIELKVISLEDGRELGVGESGEIVIRGPNIFKGYWKREKEN
QECWWYDEKGRKFFRTGDVGFIDEEGFLHFQDRVKEVIKYKGYTIAPFELEALL(MSE)KHEAV(MSE)DVAVIGKPDEE
AGEVPKAFIVLKPEYRGKVDEEDIIEWVRERISGYKRVREVEFVEELPRTASGKLLRRLLREKEAEGHHHHHH
;
_entity_poly.pdbx_strand_id   A,B
#
# COMPACT_ATOMS: atom_id res chain seq x y z
N GLU A 4 7.15 9.63 20.34
CA GLU A 4 5.95 10.34 20.86
C GLU A 4 5.48 11.39 19.86
N LEU A 5 4.56 11.00 19.00
CA LEU A 5 4.05 11.89 17.98
C LEU A 5 2.64 12.34 18.31
N LYS A 6 2.18 13.42 17.67
CA LYS A 6 0.83 13.90 17.91
C LYS A 6 -0.07 13.54 16.73
N TYR A 7 0.48 12.76 15.81
CA TYR A 7 -0.23 12.28 14.62
C TYR A 7 0.54 11.06 14.15
N LYS A 8 -0.18 10.00 13.79
CA LYS A 8 0.45 8.74 13.37
C LYS A 8 0.09 8.36 11.95
N ILE A 9 1.10 8.18 11.09
CA ILE A 9 0.86 7.81 9.71
C ILE A 9 2.13 7.31 9.03
N GLY A 10 1.94 6.39 8.09
CA GLY A 10 3.04 5.80 7.35
C GLY A 10 2.50 4.98 6.19
N PHE A 11 3.38 4.32 5.45
CA PHE A 11 2.98 3.50 4.31
C PHE A 11 3.03 2.02 4.65
N PRO A 12 2.03 1.26 4.19
CA PRO A 12 1.94 -0.18 4.46
C PRO A 12 3.02 -1.09 3.93
N SER A 13 3.42 -2.03 4.78
CA SER A 13 4.40 -3.04 4.44
C SER A 13 3.87 -3.86 3.24
N LEU A 14 4.74 -4.15 2.29
CA LEU A 14 4.32 -4.89 1.10
C LEU A 14 5.08 -6.18 0.89
N TYR A 15 4.71 -6.94 -0.14
CA TYR A 15 5.42 -8.17 -0.43
C TYR A 15 6.25 -7.92 -1.66
N TYR A 16 7.54 -8.23 -1.58
CA TYR A 16 8.46 -8.01 -2.69
C TYR A 16 8.87 -9.33 -3.33
N PRO A 17 8.50 -9.51 -4.61
CA PRO A 17 8.83 -10.74 -5.34
C PRO A 17 10.31 -10.78 -5.69
N LYS A 18 10.87 -11.97 -5.71
CA LYS A 18 12.27 -12.15 -6.06
C LYS A 18 12.27 -12.62 -7.51
N ILE A 19 12.32 -11.65 -8.41
CA ILE A 19 12.27 -11.92 -9.85
C ILE A 19 13.26 -11.06 -10.60
N SER A 20 13.40 -11.35 -11.88
CA SER A 20 14.24 -10.57 -12.78
C SER A 20 13.40 -9.35 -13.17
N LEU A 21 13.98 -8.16 -13.11
CA LEU A 21 13.23 -6.95 -13.49
C LEU A 21 12.54 -7.16 -14.83
N ALA A 22 13.14 -8.01 -15.66
CA ALA A 22 12.60 -8.29 -16.99
C ALA A 22 11.29 -9.06 -16.94
N ASP A 23 11.05 -9.77 -15.84
CA ASP A 23 9.83 -10.56 -15.68
C ASP A 23 8.58 -9.68 -15.63
N ARG A 24 8.75 -8.42 -15.23
CA ARG A 24 7.63 -7.47 -15.17
C ARG A 24 7.18 -7.14 -16.58
N ILE A 25 8.12 -7.14 -17.52
CA ILE A 25 7.80 -6.86 -18.92
C ILE A 25 6.83 -7.92 -19.41
N ASP A 26 7.15 -9.18 -19.11
CA ASP A 26 6.28 -10.29 -19.49
C ASP A 26 4.93 -10.15 -18.78
N ALA A 27 4.96 -9.99 -17.46
CA ALA A 27 3.74 -9.84 -16.65
C ALA A 27 2.88 -8.66 -17.10
N ALA A 28 3.51 -7.52 -17.34
CA ALA A 28 2.77 -6.34 -17.79
C ALA A 28 2.01 -6.63 -19.08
N ALA A 29 2.62 -7.38 -19.99
CA ALA A 29 1.98 -7.72 -21.25
C ALA A 29 0.70 -8.48 -20.96
N GLU A 30 0.79 -9.44 -20.04
CA GLU A 30 -0.38 -10.24 -19.68
C GLU A 30 -1.48 -9.46 -18.96
N LYS A 31 -1.10 -8.64 -17.99
CA LYS A 31 -2.08 -7.86 -17.24
C LYS A 31 -2.77 -6.76 -18.05
N PHE A 32 -1.97 -5.95 -18.72
CA PHE A 32 -2.49 -4.80 -19.45
C PHE A 32 -2.68 -4.97 -20.96
N GLY A 33 -2.07 -5.99 -21.54
CA GLY A 33 -2.21 -6.26 -22.96
C GLY A 33 -2.04 -5.13 -23.97
N GLU A 34 -3.11 -4.81 -24.69
CA GLU A 34 -3.09 -3.79 -25.73
C GLU A 34 -3.15 -2.34 -25.26
N LYS A 35 -3.14 -2.14 -23.94
CA LYS A 35 -3.18 -0.78 -23.40
C LYS A 35 -1.92 -0.03 -23.85
N THR A 36 -2.07 1.23 -24.25
CA THR A 36 -0.91 2.02 -24.65
C THR A 36 -0.04 2.23 -23.41
N ALA A 37 1.24 1.88 -23.53
CA ALA A 37 2.18 1.98 -22.41
C ALA A 37 3.08 3.22 -22.46
N ILE A 38 3.59 3.51 -23.66
CA ILE A 38 4.49 4.63 -23.80
C ILE A 38 4.25 5.40 -25.09
N ILE A 39 4.48 6.71 -25.02
CA ILE A 39 4.28 7.60 -26.15
C ILE A 39 5.43 8.59 -26.25
N SER A 40 5.96 8.75 -27.45
CA SER A 40 7.04 9.70 -27.67
C SER A 40 6.45 11.05 -28.05
N ALA A 41 6.59 12.06 -27.18
CA ALA A 41 6.07 13.40 -27.46
C ALA A 41 7.22 14.36 -27.76
N GLU A 42 6.90 15.56 -28.22
CA GLU A 42 7.91 16.56 -28.54
C GLU A 42 8.49 17.15 -27.27
N PRO A 43 9.76 17.56 -27.32
CA PRO A 43 10.61 17.49 -28.51
C PRO A 43 11.17 16.07 -28.63
N LYS A 44 11.20 15.53 -29.84
CA LYS A 44 11.70 14.17 -30.01
C LYS A 44 12.90 14.03 -30.92
N PHE A 45 13.78 13.08 -30.57
CA PHE A 45 14.98 12.82 -31.35
C PHE A 45 14.77 11.59 -32.23
N PRO A 46 15.58 11.44 -33.29
CA PRO A 46 15.42 10.27 -34.17
C PRO A 46 15.34 8.96 -33.38
N SER A 47 14.40 8.11 -33.75
CA SER A 47 14.15 6.84 -33.08
C SER A 47 14.02 5.66 -34.03
N GLU A 48 14.21 4.46 -33.50
CA GLU A 48 14.09 3.26 -34.31
C GLU A 48 12.84 2.51 -33.87
N PHE A 49 11.92 3.23 -33.24
CA PHE A 49 10.68 2.62 -32.75
C PHE A 49 9.50 3.53 -33.06
N PRO A 50 8.27 2.99 -33.00
CA PRO A 50 7.06 3.76 -33.29
C PRO A 50 6.84 4.92 -32.31
N GLU A 51 5.91 5.80 -32.68
CA GLU A 51 5.59 6.95 -31.85
C GLU A 51 5.02 6.51 -30.49
N SER A 52 4.41 5.33 -30.46
CA SER A 52 3.83 4.76 -29.25
C SER A 52 3.79 3.25 -29.36
N ASN A 54 2.22 -0.50 -27.14
CA ASN A 54 1.39 -1.03 -26.08
C ASN A 54 2.23 -2.04 -25.31
N PHE A 55 1.72 -2.59 -24.23
CA PHE A 55 2.52 -3.51 -23.45
C PHE A 55 2.91 -4.80 -24.18
N LEU A 56 2.04 -5.26 -25.08
CA LEU A 56 2.33 -6.48 -25.84
C LEU A 56 3.54 -6.26 -26.75
N GLU A 57 3.57 -5.10 -27.40
CA GLU A 57 4.64 -4.74 -28.32
C GLU A 57 5.98 -4.60 -27.61
N ILE A 58 5.96 -3.96 -26.45
CA ILE A 58 7.18 -3.78 -25.68
C ILE A 58 7.74 -5.15 -25.35
N CYS A 59 6.86 -6.04 -24.95
CA CYS A 59 7.27 -7.39 -24.59
C CYS A 59 7.99 -8.05 -25.75
N GLU A 60 7.34 -8.04 -26.91
CA GLU A 60 7.91 -8.67 -28.10
C GLU A 60 9.17 -8.02 -28.69
N VAL A 61 9.18 -6.70 -28.83
CA VAL A 61 10.36 -6.03 -29.37
C VAL A 61 11.58 -6.22 -28.48
N THR A 62 11.38 -6.17 -27.17
CA THR A 62 12.51 -6.34 -26.25
C THR A 62 13.01 -7.77 -26.24
N LYS A 63 12.23 -8.69 -26.80
CA LYS A 63 12.63 -10.08 -26.87
C LYS A 63 13.57 -10.28 -28.07
N LYS A 64 13.19 -9.74 -29.22
CA LYS A 64 14.01 -9.84 -30.42
C LYS A 64 15.33 -9.10 -30.24
N LEU A 65 15.28 -7.99 -29.53
CA LEU A 65 16.46 -7.19 -29.27
C LEU A 65 17.34 -7.96 -28.29
N ALA A 66 16.72 -8.47 -27.22
CA ALA A 66 17.44 -9.24 -26.20
C ALA A 66 18.14 -10.40 -26.87
N SER A 67 17.41 -11.10 -27.73
CA SER A 67 17.97 -12.22 -28.45
C SER A 67 19.15 -11.74 -29.30
N GLY A 68 18.91 -10.72 -30.11
CA GLY A 68 19.93 -10.18 -30.97
C GLY A 68 21.20 -9.68 -30.31
N ILE A 69 21.08 -8.82 -29.29
CA ILE A 69 22.27 -8.29 -28.64
C ILE A 69 23.04 -9.38 -27.92
N SER A 70 22.35 -10.46 -27.57
CA SER A 70 22.97 -11.59 -26.89
C SER A 70 23.81 -12.37 -27.89
N ARG A 71 23.20 -12.68 -29.03
CA ARG A 71 23.86 -13.42 -30.10
C ARG A 71 25.07 -12.66 -30.61
N LYS A 72 25.08 -11.35 -30.41
CA LYS A 72 26.20 -10.54 -30.86
C LYS A 72 27.33 -10.45 -29.85
N GLY A 73 27.15 -11.07 -28.68
CA GLY A 73 28.23 -11.05 -27.70
C GLY A 73 27.92 -10.65 -26.28
N VAL A 74 26.89 -9.83 -26.08
CA VAL A 74 26.56 -9.39 -24.73
C VAL A 74 26.24 -10.59 -23.84
N ARG A 75 26.84 -10.61 -22.66
CA ARG A 75 26.66 -11.71 -21.70
C ARG A 75 26.15 -11.23 -20.35
N LYS A 76 25.62 -12.16 -19.57
CA LYS A 76 25.12 -11.85 -18.24
C LYS A 76 26.17 -11.18 -17.37
N GLY A 77 25.74 -10.20 -16.59
CA GLY A 77 26.63 -9.49 -15.69
C GLY A 77 27.46 -8.41 -16.36
N GLU A 78 27.46 -8.41 -17.68
CA GLU A 78 28.24 -7.45 -18.44
C GLU A 78 27.84 -6.00 -18.21
N HIS A 79 28.83 -5.15 -17.96
CA HIS A 79 28.56 -3.73 -17.77
C HIS A 79 28.46 -3.10 -19.16
N VAL A 80 27.25 -2.71 -19.53
CA VAL A 80 27.02 -2.10 -20.82
C VAL A 80 26.77 -0.61 -20.68
N GLY A 81 27.60 0.20 -21.33
CA GLY A 81 27.41 1.63 -21.27
C GLY A 81 26.19 1.95 -22.09
N VAL A 82 25.39 2.92 -21.65
CA VAL A 82 24.18 3.30 -22.36
C VAL A 82 24.09 4.81 -22.40
N CYS A 83 24.29 5.37 -23.59
CA CYS A 83 24.22 6.81 -23.76
C CYS A 83 23.23 7.15 -24.87
N ILE A 84 21.97 7.34 -24.46
CA ILE A 84 20.89 7.67 -25.38
C ILE A 84 20.00 8.70 -24.69
N PRO A 85 19.57 9.73 -25.42
CA PRO A 85 18.71 10.76 -24.81
C PRO A 85 17.33 10.18 -24.56
N ASN A 86 16.56 10.85 -23.71
CA ASN A 86 15.19 10.45 -23.40
C ASN A 86 14.54 10.02 -24.69
N SER A 87 13.89 8.84 -24.66
CA SER A 87 13.27 8.28 -25.85
C SER A 87 12.82 6.87 -25.52
N ILE A 88 12.06 6.27 -26.43
CA ILE A 88 11.57 4.91 -26.25
C ILE A 88 12.78 3.97 -26.41
N ASP A 89 13.73 4.39 -27.24
CA ASP A 89 14.95 3.64 -27.53
C ASP A 89 15.75 3.38 -26.24
N TYR A 90 15.82 4.37 -25.36
CA TYR A 90 16.54 4.24 -24.10
C TYR A 90 15.87 3.13 -23.28
N VAL A 91 14.56 3.26 -23.10
CA VAL A 91 13.81 2.29 -22.33
C VAL A 91 13.93 0.90 -22.93
N THR A 93 16.24 -0.33 -24.71
CA THR A 93 17.61 -0.80 -24.54
C THR A 93 17.81 -1.40 -23.16
N ILE A 94 17.48 -0.64 -22.13
CA ILE A 94 17.60 -1.08 -20.75
C ILE A 94 16.83 -2.39 -20.54
N TYR A 95 15.63 -2.46 -21.09
CA TYR A 95 14.77 -3.63 -20.97
C TYR A 95 15.34 -4.87 -21.63
N ALA A 96 15.87 -4.72 -22.84
CA ALA A 96 16.46 -5.85 -23.57
C ALA A 96 17.69 -6.31 -22.78
N LEU A 97 18.47 -5.35 -22.31
CA LEU A 97 19.66 -5.70 -21.54
C LEU A 97 19.31 -6.40 -20.23
N TRP A 98 18.13 -6.12 -19.69
CA TRP A 98 17.73 -6.77 -18.45
C TRP A 98 17.28 -8.21 -18.73
N ARG A 99 16.74 -8.45 -19.93
CA ARG A 99 16.30 -9.78 -20.31
C ARG A 99 17.52 -10.71 -20.42
N VAL A 100 18.63 -10.18 -20.91
CA VAL A 100 19.84 -10.97 -21.05
C VAL A 100 20.63 -10.93 -19.74
N ALA A 101 20.08 -10.22 -18.76
CA ALA A 101 20.68 -10.07 -17.44
C ALA A 101 22.01 -9.29 -17.45
N ALA A 102 22.18 -8.42 -18.42
CA ALA A 102 23.38 -7.60 -18.50
C ALA A 102 23.25 -6.53 -17.42
N THR A 103 24.24 -5.64 -17.32
CA THR A 103 24.19 -4.59 -16.31
C THR A 103 24.47 -3.22 -16.89
N PRO A 104 23.42 -2.50 -17.32
CA PRO A 104 23.53 -1.17 -17.89
C PRO A 104 24.18 -0.16 -16.98
N VAL A 105 24.95 0.74 -17.59
CA VAL A 105 25.63 1.81 -16.88
C VAL A 105 25.23 3.09 -17.61
N PRO A 106 24.17 3.76 -17.14
CA PRO A 106 23.65 5.00 -17.73
C PRO A 106 24.73 6.07 -17.82
N ILE A 107 24.85 6.71 -18.98
CA ILE A 107 25.85 7.74 -19.19
C ILE A 107 25.24 9.09 -19.59
N ASN A 108 25.58 10.15 -18.86
CA ASN A 108 25.09 11.48 -19.16
C ASN A 108 25.39 11.80 -20.62
N PRO A 109 24.35 12.12 -21.41
CA PRO A 109 24.50 12.44 -22.83
C PRO A 109 25.33 13.69 -23.07
N TYR A 111 28.26 14.53 -21.34
CA TYR A 111 29.60 14.42 -20.77
C TYR A 111 30.60 14.86 -21.80
N LYS A 112 31.62 15.60 -21.36
CA LYS A 112 32.65 16.04 -22.28
C LYS A 112 33.37 14.75 -22.69
N SER A 113 34.03 14.76 -23.85
CA SER A 113 34.74 13.57 -24.33
C SER A 113 35.61 12.84 -23.31
N PHE A 114 36.32 13.57 -22.46
CA PHE A 114 37.17 12.93 -21.46
C PHE A 114 36.35 12.34 -20.33
N GLU A 115 35.22 12.98 -20.00
CA GLU A 115 34.36 12.49 -18.94
C GLU A 115 33.75 11.15 -19.38
N LEU A 116 33.62 10.97 -20.68
CA LEU A 116 33.07 9.72 -21.22
C LEU A 116 34.09 8.61 -21.03
N GLU A 117 35.36 8.98 -21.17
CA GLU A 117 36.46 8.03 -21.01
C GLU A 117 36.62 7.63 -19.56
N HIS A 118 36.51 8.61 -18.67
CA HIS A 118 36.66 8.34 -17.24
C HIS A 118 35.59 7.38 -16.72
N ILE A 119 34.42 7.36 -17.35
CA ILE A 119 33.35 6.49 -16.88
C ILE A 119 33.35 5.11 -17.56
N LEU A 120 33.72 5.08 -18.84
CA LEU A 120 33.75 3.81 -19.56
C LEU A 120 34.88 2.94 -19.01
N ASN A 121 35.87 3.59 -18.41
CA ASN A 121 36.99 2.87 -17.83
C ASN A 121 36.68 2.52 -16.38
N ASP A 122 36.21 3.50 -15.62
CA ASP A 122 35.89 3.29 -14.22
C ASP A 122 34.83 2.22 -14.04
N SER A 123 33.86 2.20 -14.94
CA SER A 123 32.79 1.21 -14.88
C SER A 123 33.21 -0.07 -15.59
N GLU A 124 34.38 -0.04 -16.21
CA GLU A 124 34.91 -1.19 -16.92
C GLU A 124 33.89 -1.79 -17.88
N ALA A 125 33.28 -0.94 -18.70
CA ALA A 125 32.29 -1.36 -19.69
C ALA A 125 32.92 -1.99 -20.92
N THR A 126 32.34 -3.10 -21.39
CA THR A 126 32.85 -3.81 -22.56
C THR A 126 31.91 -3.75 -23.76
N THR A 127 30.78 -3.07 -23.59
CA THR A 127 29.80 -2.88 -24.66
C THR A 127 29.22 -1.49 -24.48
N LEU A 128 28.87 -0.85 -25.59
CA LEU A 128 28.29 0.49 -25.54
C LEU A 128 27.14 0.63 -26.52
N VAL A 129 26.06 1.22 -26.04
CA VAL A 129 24.89 1.47 -26.86
C VAL A 129 24.79 2.98 -26.81
N VAL A 130 25.04 3.61 -27.94
CA VAL A 130 25.01 5.06 -28.01
C VAL A 130 24.17 5.55 -29.17
N HIS A 131 23.54 6.72 -28.95
CA HIS A 131 22.72 7.32 -29.99
C HIS A 131 23.65 7.86 -31.06
N SER A 132 23.15 7.90 -32.28
CA SER A 132 23.90 8.37 -33.46
C SER A 132 24.44 9.77 -33.32
N LEU A 134 25.32 11.25 -30.95
CA LEU A 134 26.35 11.36 -29.90
C LEU A 134 27.64 10.57 -30.17
N TYR A 135 27.59 9.69 -31.15
CA TYR A 135 28.72 8.84 -31.46
C TYR A 135 30.00 9.60 -31.75
N GLU A 136 29.88 10.90 -32.02
CA GLU A 136 31.06 11.70 -32.34
C GLU A 136 31.90 12.00 -31.13
N ASN A 137 31.25 12.12 -29.97
CA ASN A 137 31.94 12.42 -28.73
C ASN A 137 32.68 11.22 -28.17
N PHE A 138 32.28 10.03 -28.61
CA PHE A 138 32.91 8.80 -28.15
C PHE A 138 34.11 8.38 -29.01
N LYS A 139 33.87 8.28 -30.31
CA LYS A 139 34.89 7.85 -31.26
C LYS A 139 36.33 8.25 -30.92
N PRO A 140 36.61 9.56 -30.81
CA PRO A 140 37.97 9.99 -30.50
C PRO A 140 38.45 9.70 -29.08
N VAL A 141 38.12 8.54 -28.54
CA VAL A 141 38.54 8.20 -27.19
C VAL A 141 38.12 6.78 -26.83
N LEU A 142 37.31 6.17 -27.68
CA LEU A 142 36.85 4.80 -27.46
C LEU A 142 38.05 3.85 -27.47
N GLU A 143 39.05 4.22 -28.28
CA GLU A 143 40.29 3.45 -28.41
C GLU A 143 40.95 3.28 -27.04
N LYS A 144 40.76 4.25 -26.16
CA LYS A 144 41.35 4.22 -24.82
C LYS A 144 40.44 3.60 -23.76
N THR A 145 39.54 2.71 -24.16
CA THR A 145 38.66 2.07 -23.20
C THR A 145 38.59 0.58 -23.49
N GLY A 146 37.81 -0.15 -22.69
CA GLY A 146 37.68 -1.59 -22.89
C GLY A 146 36.42 -1.95 -23.67
N VAL A 147 35.84 -0.95 -24.34
CA VAL A 147 34.64 -1.17 -25.12
C VAL A 147 34.99 -2.07 -26.30
N GLU A 148 34.27 -3.18 -26.39
CA GLU A 148 34.49 -4.17 -27.44
C GLU A 148 33.43 -4.14 -28.52
N ARG A 149 32.23 -3.69 -28.16
CA ARG A 149 31.14 -3.63 -29.12
C ARG A 149 30.43 -2.28 -29.03
N VAL A 150 29.94 -1.82 -30.17
CA VAL A 150 29.24 -0.55 -30.23
C VAL A 150 27.98 -0.66 -31.06
N PHE A 151 26.85 -0.41 -30.41
CA PHE A 151 25.56 -0.43 -31.09
C PHE A 151 25.16 1.02 -31.21
N VAL A 152 24.86 1.45 -32.43
CA VAL A 152 24.49 2.83 -32.67
C VAL A 152 23.00 2.96 -32.94
N VAL A 153 22.29 3.64 -32.03
CA VAL A 153 20.86 3.83 -32.18
C VAL A 153 20.61 4.87 -33.26
N GLY A 154 19.77 4.53 -34.23
CA GLY A 154 19.50 5.43 -35.32
C GLY A 154 20.75 5.51 -36.18
N GLY A 155 21.61 4.50 -36.02
CA GLY A 155 22.85 4.44 -36.79
C GLY A 155 22.73 3.64 -38.06
N GLU A 156 23.78 3.66 -38.86
CA GLU A 156 23.80 2.95 -40.12
C GLU A 156 24.28 1.51 -39.94
N VAL A 157 25.24 1.31 -39.05
CA VAL A 157 25.75 -0.03 -38.79
C VAL A 157 25.55 -0.43 -37.34
N ASN A 158 25.16 -1.69 -37.14
CA ASN A 158 24.92 -2.19 -35.79
C ASN A 158 23.86 -1.37 -35.05
N SER A 159 22.80 -1.02 -35.77
CA SER A 159 21.71 -0.26 -35.17
C SER A 159 20.84 -1.25 -34.42
N LEU A 160 19.96 -0.74 -33.57
CA LEU A 160 19.07 -1.62 -32.81
C LEU A 160 18.21 -2.42 -33.77
N SER A 161 17.84 -1.78 -34.87
CA SER A 161 17.02 -2.40 -35.91
C SER A 161 17.70 -3.63 -36.46
N GLU A 162 18.98 -3.49 -36.80
CA GLU A 162 19.76 -4.57 -37.36
C GLU A 162 19.98 -5.69 -36.35
N VAL A 163 19.98 -5.30 -35.09
CA VAL A 163 20.16 -6.25 -34.02
C VAL A 163 18.90 -7.06 -33.82
N ASP A 165 17.05 -7.71 -35.93
CA ASP A 165 16.83 -8.44 -37.20
C ASP A 165 17.41 -9.83 -36.95
N SER A 166 18.54 -9.86 -36.24
CA SER A 166 19.21 -11.11 -35.93
C SER A 166 18.64 -11.80 -34.70
N GLY A 167 17.73 -11.13 -34.00
CA GLY A 167 17.17 -11.71 -32.80
C GLY A 167 15.92 -12.53 -33.08
N SER A 168 15.62 -13.44 -32.17
CA SER A 168 14.45 -14.30 -32.30
C SER A 168 13.29 -13.80 -31.46
N GLU A 169 12.09 -13.90 -32.02
CA GLU A 169 10.89 -13.47 -31.31
C GLU A 169 10.74 -14.30 -30.04
N ASP A 170 11.27 -15.52 -30.07
CA ASP A 170 11.22 -16.41 -28.92
C ASP A 170 12.49 -16.29 -28.09
N PHE A 171 12.37 -15.62 -26.95
CA PHE A 171 13.48 -15.44 -26.03
C PHE A 171 12.97 -15.53 -24.61
N GLU A 172 13.72 -16.22 -23.75
CA GLU A 172 13.33 -16.36 -22.35
C GLU A 172 14.34 -15.65 -21.47
N ASN A 173 13.82 -14.85 -20.54
CA ASN A 173 14.66 -14.10 -19.62
C ASN A 173 15.69 -15.01 -18.95
N VAL A 174 16.90 -14.47 -18.78
CA VAL A 174 18.01 -15.17 -18.17
C VAL A 174 17.83 -15.11 -16.66
N LYS A 175 17.62 -16.27 -16.04
CA LYS A 175 17.44 -16.34 -14.59
C LYS A 175 18.56 -15.64 -13.83
N VAL A 176 18.18 -14.97 -12.75
CA VAL A 176 19.16 -14.24 -11.94
C VAL A 176 18.92 -14.47 -10.46
N ASN A 177 19.88 -14.03 -9.64
CA ASN A 177 19.77 -14.11 -8.20
C ASN A 177 19.34 -12.69 -7.87
N PRO A 178 18.03 -12.43 -7.92
CA PRO A 178 17.43 -11.12 -7.65
C PRO A 178 18.14 -10.25 -6.61
N GLU A 179 18.58 -10.86 -5.52
CA GLU A 179 19.23 -10.09 -4.46
C GLU A 179 20.74 -9.92 -4.58
N GLU A 180 21.34 -10.63 -5.52
CA GLU A 180 22.78 -10.53 -5.71
C GLU A 180 23.17 -9.84 -7.03
N ASP A 181 22.47 -10.19 -8.11
CA ASP A 181 22.77 -9.62 -9.43
C ASP A 181 22.44 -8.14 -9.61
N VAL A 182 23.45 -7.39 -10.03
CA VAL A 182 23.31 -5.94 -10.27
C VAL A 182 22.56 -5.72 -11.58
N ALA A 183 21.52 -4.89 -11.52
CA ALA A 183 20.71 -4.60 -12.70
C ALA A 183 21.02 -3.24 -13.30
N LEU A 184 21.63 -2.37 -12.50
CA LEU A 184 21.94 -1.03 -12.99
C LEU A 184 23.04 -0.42 -12.12
N ILE A 185 23.91 0.38 -12.74
CA ILE A 185 24.96 1.05 -11.99
C ILE A 185 25.02 2.53 -12.34
N PRO A 186 24.12 3.32 -11.75
CA PRO A 186 24.09 4.77 -11.99
C PRO A 186 25.16 5.40 -11.12
N TYR A 187 25.76 6.50 -11.58
CA TYR A 187 26.79 7.18 -10.81
C TYR A 187 26.24 8.35 -10.04
N THR A 188 26.84 8.65 -8.90
CA THR A 188 26.39 9.76 -8.06
C THR A 188 27.54 10.69 -7.68
N GLY A 189 27.29 11.99 -7.77
CA GLY A 189 28.31 12.96 -7.43
C GLY A 189 28.09 13.54 -6.04
N GLY A 190 27.64 12.69 -5.11
CA GLY A 190 27.38 13.11 -3.74
C GLY A 190 28.27 14.23 -3.24
N THR A 191 29.53 13.90 -2.98
CA THR A 191 30.49 14.89 -2.52
C THR A 191 31.50 15.14 -3.64
N THR A 192 31.90 16.39 -3.81
CA THR A 192 32.83 16.77 -4.86
C THR A 192 34.16 17.28 -4.29
N GLY A 193 34.40 17.00 -3.00
CA GLY A 193 35.63 17.44 -2.37
C GLY A 193 35.45 18.71 -1.56
N PRO A 195 32.06 10.96 -7.36
CA PRO A 195 31.82 10.36 -8.68
C PRO A 195 32.01 8.84 -8.64
N LYS A 196 31.04 8.13 -8.06
CA LYS A 196 31.13 6.68 -7.95
C LYS A 196 29.86 5.94 -8.34
N GLY A 197 30.03 4.77 -8.97
CA GLY A 197 28.89 3.98 -9.39
C GLY A 197 28.15 3.34 -8.23
N VAL A 198 26.84 3.22 -8.37
CA VAL A 198 26.01 2.61 -7.35
C VAL A 198 25.40 1.31 -7.87
N LEU A 200 22.89 -1.45 -8.05
CA LEU A 200 21.52 -1.71 -7.64
C LEU A 200 21.14 -3.08 -8.21
N THR A 201 20.53 -3.90 -7.36
CA THR A 201 20.13 -5.25 -7.76
C THR A 201 18.73 -5.28 -8.35
N HIS A 202 18.37 -6.40 -8.94
CA HIS A 202 17.05 -6.57 -9.52
C HIS A 202 16.04 -6.38 -8.38
N PHE A 203 16.36 -6.98 -7.24
CA PHE A 203 15.47 -6.89 -6.08
C PHE A 203 15.33 -5.45 -5.61
N ASN A 204 16.43 -4.71 -5.53
CA ASN A 204 16.38 -3.31 -5.10
C ASN A 204 15.41 -2.52 -5.96
N LEU A 205 15.64 -2.51 -7.27
CA LEU A 205 14.81 -1.77 -8.19
C LEU A 205 13.37 -2.27 -8.26
N ALA A 206 13.17 -3.59 -8.24
CA ALA A 206 11.82 -4.12 -8.29
C ALA A 206 11.04 -3.71 -7.05
N ALA A 207 11.74 -3.64 -5.92
CA ALA A 207 11.09 -3.24 -4.67
C ALA A 207 10.76 -1.77 -4.65
N ASN A 208 11.67 -0.94 -5.16
CA ASN A 208 11.47 0.51 -5.17
C ASN A 208 10.29 0.88 -6.07
N ALA A 209 10.04 0.06 -7.09
CA ALA A 209 8.92 0.27 -8.02
C ALA A 209 7.57 0.15 -7.28
N LEU A 210 7.44 -0.88 -6.43
CA LEU A 210 6.21 -1.08 -5.66
C LEU A 210 6.07 -0.01 -4.59
N GLN A 211 7.17 0.31 -3.92
CA GLN A 211 7.18 1.33 -2.86
C GLN A 211 6.69 2.67 -3.44
N LEU A 212 7.26 3.05 -4.57
CA LEU A 212 6.92 4.28 -5.25
C LEU A 212 5.46 4.30 -5.63
N ALA A 213 4.99 3.23 -6.28
CA ALA A 213 3.61 3.10 -6.73
C ALA A 213 2.63 3.27 -5.56
N VAL A 214 2.84 2.47 -4.52
CA VAL A 214 1.99 2.51 -3.36
C VAL A 214 2.05 3.85 -2.63
N ALA A 215 3.23 4.45 -2.55
CA ALA A 215 3.38 5.71 -1.84
C ALA A 215 2.75 6.89 -2.57
N THR A 216 2.92 6.95 -3.89
CA THR A 216 2.38 8.04 -4.71
C THR A 216 0.95 7.76 -5.11
N GLY A 217 0.60 6.48 -5.20
CA GLY A 217 -0.75 6.12 -5.59
C GLY A 217 -0.91 6.01 -7.09
N LEU A 218 0.17 6.18 -7.83
CA LEU A 218 0.14 6.07 -9.29
C LEU A 218 -0.32 4.68 -9.69
N SER A 219 -1.18 4.60 -10.72
CA SER A 219 -1.73 3.32 -11.16
C SER A 219 -1.99 3.24 -12.67
N HIS A 220 -2.61 2.13 -13.10
CA HIS A 220 -2.96 1.92 -14.51
C HIS A 220 -3.79 3.08 -15.06
N ASP A 222 -3.19 6.26 -14.51
CA ASP A 222 -2.38 7.46 -14.72
C ASP A 222 -1.64 7.59 -16.03
N THR A 223 -1.22 8.82 -16.30
CA THR A 223 -0.48 9.17 -17.48
C THR A 223 0.64 10.07 -16.99
N ILE A 224 1.85 9.53 -16.92
CA ILE A 224 2.99 10.30 -16.46
C ILE A 224 3.66 11.01 -17.62
N VAL A 225 3.83 12.32 -17.50
CA VAL A 225 4.49 13.11 -18.53
C VAL A 225 5.91 13.38 -18.03
N GLY A 226 6.88 12.65 -18.55
CA GLY A 226 8.25 12.81 -18.11
C GLY A 226 9.04 13.93 -18.77
N CYS A 227 9.65 14.81 -17.98
CA CYS A 227 10.44 15.92 -18.54
C CYS A 227 11.82 15.99 -17.98
N PRO A 229 15.78 14.07 -17.08
CA PRO A 229 16.77 13.14 -17.64
C PRO A 229 16.54 11.70 -17.24
N PHE A 231 18.46 9.22 -17.79
CA PHE A 231 19.65 8.53 -17.30
C PHE A 231 19.81 8.67 -15.78
N HIS A 232 19.09 9.61 -15.17
CA HIS A 232 19.13 9.76 -13.72
C HIS A 232 18.15 8.71 -13.16
N SER A 233 18.53 8.03 -12.07
CA SER A 233 17.65 6.99 -11.51
C SER A 233 16.24 7.45 -11.17
N ALA A 234 16.08 8.73 -10.80
CA ALA A 234 14.77 9.29 -10.44
C ALA A 234 13.74 9.22 -11.56
N GLU A 235 14.01 9.88 -12.68
CA GLU A 235 13.07 9.83 -13.79
C GLU A 235 12.85 8.40 -14.28
N PHE A 236 13.93 7.63 -14.38
CA PHE A 236 13.81 6.26 -14.86
C PHE A 236 13.01 5.40 -13.88
N GLY A 237 13.08 5.77 -12.60
CA GLY A 237 12.34 5.04 -11.60
C GLY A 237 10.87 5.15 -11.92
N LEU A 238 10.47 6.34 -12.38
CA LEU A 238 9.09 6.61 -12.75
C LEU A 238 8.70 5.97 -14.08
N VAL A 239 9.60 5.99 -15.06
CA VAL A 239 9.24 5.37 -16.34
C VAL A 239 9.02 3.87 -16.10
N ASN A 240 9.66 3.33 -15.07
CA ASN A 240 9.55 1.90 -14.78
C ASN A 240 8.23 1.46 -14.13
N LEU A 241 7.47 2.41 -13.59
CA LEU A 241 6.17 2.13 -12.96
C LEU A 241 5.26 1.56 -14.03
N VAL A 243 5.70 -0.95 -16.29
CA VAL A 243 5.51 -2.39 -16.28
C VAL A 243 5.13 -2.90 -14.90
N THR A 244 5.03 -1.99 -13.94
CA THR A 244 4.64 -2.35 -12.57
C THR A 244 3.14 -2.14 -12.36
N VAL A 245 2.65 -0.93 -12.66
CA VAL A 245 1.23 -0.61 -12.47
C VAL A 245 0.41 -0.41 -13.76
N GLY A 246 1.07 -0.39 -14.92
CA GLY A 246 0.35 -0.26 -16.17
C GLY A 246 -0.06 1.14 -16.59
N ASN A 247 0.52 2.15 -15.97
CA ASN A 247 0.22 3.53 -16.33
C ASN A 247 0.83 3.79 -17.69
N GLU A 248 0.44 4.91 -18.29
CA GLU A 248 0.97 5.30 -19.58
C GLU A 248 2.07 6.31 -19.28
N TYR A 249 3.15 6.27 -20.04
CA TYR A 249 4.26 7.21 -19.85
C TYR A 249 4.45 8.02 -21.13
N VAL A 250 4.64 9.32 -20.99
CA VAL A 250 4.86 10.20 -22.12
C VAL A 250 6.30 10.69 -22.08
N VAL A 251 7.03 10.39 -23.15
CA VAL A 251 8.44 10.75 -23.27
C VAL A 251 8.66 12.13 -23.87
N GLY A 253 12.08 14.39 -25.23
CA GLY A 253 13.50 14.32 -25.55
C GLY A 253 14.38 15.19 -24.70
N PHE A 255 14.20 19.06 -21.88
CA PHE A 255 13.33 19.99 -21.15
C PHE A 255 12.97 21.28 -21.87
N ASN A 256 11.69 21.46 -22.14
CA ASN A 256 11.17 22.68 -22.76
C ASN A 256 9.89 22.90 -21.96
N GLN A 257 9.88 23.91 -21.09
CA GLN A 257 8.73 24.15 -20.22
C GLN A 257 7.42 24.40 -20.95
N GLU A 258 7.48 24.96 -22.15
CA GLU A 258 6.23 25.21 -22.88
C GLU A 258 5.67 23.91 -23.42
N LEU A 260 6.13 21.05 -22.14
CA LEU A 260 5.73 20.26 -20.98
C LEU A 260 4.26 20.59 -20.69
N ALA A 261 3.97 21.90 -20.63
CA ALA A 261 2.63 22.38 -20.38
C ALA A 261 1.66 21.87 -21.46
N GLU A 262 2.12 21.84 -22.72
CA GLU A 262 1.29 21.39 -23.83
C GLU A 262 1.10 19.88 -23.80
N ASN A 263 2.14 19.16 -23.40
CA ASN A 263 2.05 17.71 -23.35
C ASN A 263 1.10 17.25 -22.24
N ILE A 264 1.15 17.92 -21.10
CA ILE A 264 0.25 17.58 -19.97
C ILE A 264 -1.19 17.71 -20.47
N GLU A 265 -1.47 18.77 -21.21
CA GLU A 265 -2.80 18.99 -21.76
C GLU A 265 -3.12 17.94 -22.82
N LYS A 266 -2.28 17.87 -23.84
CA LYS A 266 -2.46 16.94 -24.97
C LYS A 266 -2.71 15.49 -24.58
N TYR A 267 -1.84 14.92 -23.75
CA TYR A 267 -1.99 13.54 -23.35
C TYR A 267 -2.77 13.37 -22.05
N LYS A 268 -3.36 14.47 -21.60
CA LYS A 268 -4.15 14.44 -20.38
C LYS A 268 -3.30 13.84 -19.26
N GLY A 269 -2.15 14.46 -19.03
CA GLY A 269 -1.26 13.99 -17.98
C GLY A 269 -1.94 14.10 -16.63
N THR A 270 -1.65 13.17 -15.74
CA THR A 270 -2.24 13.18 -14.40
C THR A 270 -1.17 13.40 -13.35
N PHE A 271 0.08 13.23 -13.77
CA PHE A 271 1.23 13.37 -12.87
C PHE A 271 2.49 13.79 -13.62
N SER A 272 3.34 14.54 -12.94
CA SER A 272 4.61 14.97 -13.50
C SER A 272 5.47 15.53 -12.37
N TRP A 273 6.77 15.67 -12.64
CA TRP A 273 7.68 16.19 -11.63
C TRP A 273 8.89 16.84 -12.25
N ALA A 274 9.56 17.68 -11.47
CA ALA A 274 10.76 18.38 -11.93
C ALA A 274 11.56 18.87 -10.74
N VAL A 275 12.85 19.11 -10.96
CA VAL A 275 13.70 19.62 -9.89
C VAL A 275 13.26 21.08 -9.75
N PRO A 276 13.51 21.69 -8.57
CA PRO A 276 13.15 23.07 -8.28
C PRO A 276 13.56 24.09 -9.32
N PRO A 277 14.78 23.98 -9.86
CA PRO A 277 15.20 24.94 -10.88
C PRO A 277 14.35 24.84 -12.15
N ALA A 278 13.90 23.64 -12.45
CA ALA A 278 13.05 23.39 -13.61
C ALA A 278 11.64 23.97 -13.36
N LEU A 279 11.12 23.76 -12.15
CA LEU A 279 9.81 24.29 -11.80
C LEU A 279 9.85 25.83 -11.85
N ASN A 280 10.99 26.41 -11.46
CA ASN A 280 11.17 27.85 -11.45
C ASN A 280 11.04 28.36 -12.89
N VAL A 281 11.71 27.68 -13.80
CA VAL A 281 11.67 28.03 -15.20
C VAL A 281 10.24 27.91 -15.75
N LEU A 282 9.50 26.87 -15.33
CA LEU A 282 8.13 26.67 -15.77
C LEU A 282 7.21 27.77 -15.27
N VAL A 283 7.32 28.09 -13.97
CA VAL A 283 6.52 29.12 -13.32
C VAL A 283 6.72 30.52 -13.91
N ASN A 284 7.96 30.84 -14.26
CA ASN A 284 8.28 32.14 -14.84
C ASN A 284 7.67 32.29 -16.23
N THR A 285 7.50 31.17 -16.93
CA THR A 285 6.90 31.22 -18.26
C THR A 285 5.38 31.27 -18.14
N LEU A 286 4.83 30.46 -17.24
CA LEU A 286 3.38 30.47 -17.04
C LEU A 286 2.92 31.86 -16.61
N GLU A 287 3.73 32.52 -15.79
CA GLU A 287 3.40 33.84 -15.28
C GLU A 287 3.60 35.01 -16.23
N SER A 288 4.62 34.91 -17.08
CA SER A 288 4.91 35.98 -18.03
C SER A 288 4.11 35.84 -19.31
N SER A 289 3.89 34.62 -19.76
CA SER A 289 3.15 34.38 -20.99
C SER A 289 1.65 34.43 -20.70
N ASN A 290 0.84 34.69 -21.72
CA ASN A 290 -0.60 34.74 -21.52
C ASN A 290 -1.26 33.45 -21.98
N LYS A 291 -0.46 32.54 -22.52
CA LYS A 291 -0.96 31.26 -23.01
C LYS A 291 -1.60 30.44 -21.90
N THR A 292 -2.76 29.87 -22.20
CA THR A 292 -3.47 29.05 -21.22
C THR A 292 -3.37 27.58 -21.62
N TYR A 293 -3.71 26.70 -20.69
CA TYR A 293 -3.64 25.26 -20.93
C TYR A 293 -4.77 24.55 -20.21
N ASP A 294 -5.03 23.30 -20.60
CA ASP A 294 -6.06 22.50 -19.95
C ASP A 294 -5.37 21.36 -19.21
N TRP A 295 -5.14 21.56 -17.92
CA TRP A 295 -4.50 20.56 -17.07
C TRP A 295 -5.53 19.98 -16.10
N SER A 296 -6.78 19.89 -16.51
CA SER A 296 -7.82 19.38 -15.61
C SER A 296 -7.59 17.96 -15.09
N TYR A 297 -6.77 17.16 -15.79
CA TYR A 297 -6.50 15.80 -15.36
C TYR A 297 -5.29 15.70 -14.42
N LEU A 298 -4.48 16.74 -14.39
CA LEU A 298 -3.29 16.75 -13.56
C LEU A 298 -3.64 16.82 -12.08
N LYS A 299 -3.31 15.77 -11.34
CA LYS A 299 -3.61 15.73 -9.91
C LYS A 299 -2.45 16.24 -9.06
N VAL A 300 -1.23 15.88 -9.45
CA VAL A 300 -0.06 16.27 -8.69
C VAL A 300 1.13 16.64 -9.55
N PHE A 301 1.83 17.70 -9.15
CA PHE A 301 3.05 18.09 -9.84
C PHE A 301 4.07 18.04 -8.71
N ALA A 302 4.98 17.08 -8.77
CA ALA A 302 5.96 16.93 -7.70
C ALA A 302 7.33 17.52 -8.01
N THR A 303 8.14 17.65 -6.96
CA THR A 303 9.49 18.16 -7.08
C THR A 303 10.40 17.19 -6.33
N GLY A 304 11.67 17.15 -6.70
CA GLY A 304 12.60 16.25 -6.05
C GLY A 304 14.03 16.65 -6.27
N ALA A 305 14.96 15.84 -5.74
CA ALA A 305 16.40 16.11 -5.84
C ALA A 305 16.85 17.22 -4.90
N TRP A 306 15.90 17.94 -4.32
CA TRP A 306 16.22 19.03 -3.40
C TRP A 306 14.94 19.74 -3.00
N PRO A 307 14.87 20.23 -1.77
CA PRO A 307 13.65 20.93 -1.31
C PRO A 307 13.32 22.23 -2.05
N VAL A 308 12.06 22.33 -2.46
CA VAL A 308 11.58 23.50 -3.16
C VAL A 308 11.19 24.55 -2.13
N ALA A 309 11.10 25.80 -2.56
CA ALA A 309 10.72 26.87 -1.65
C ALA A 309 9.20 27.05 -1.70
N PRO A 310 8.57 27.22 -0.53
CA PRO A 310 7.13 27.40 -0.36
C PRO A 310 6.47 28.40 -1.32
N ALA A 311 7.10 29.56 -1.53
CA ALA A 311 6.53 30.55 -2.44
C ALA A 311 6.46 30.02 -3.88
N LEU A 312 7.44 29.20 -4.28
CA LEU A 312 7.44 28.66 -5.62
C LEU A 312 6.28 27.67 -5.79
N VAL A 313 6.08 26.82 -4.78
CA VAL A 313 4.98 25.86 -4.81
C VAL A 313 3.63 26.59 -4.82
N GLU A 314 3.49 27.57 -3.94
CA GLU A 314 2.26 28.35 -3.83
C GLU A 314 1.97 29.06 -5.16
N LYS A 315 3.02 29.57 -5.79
CA LYS A 315 2.90 30.27 -7.05
C LYS A 315 2.42 29.34 -8.18
N LEU A 316 2.98 28.13 -8.23
CA LEU A 316 2.59 27.16 -9.24
C LEU A 316 1.09 26.81 -9.18
N LEU A 317 0.58 26.58 -7.97
CA LEU A 317 -0.81 26.22 -7.76
C LEU A 317 -1.76 27.35 -8.16
N LYS A 318 -1.32 28.58 -7.94
CA LYS A 318 -2.13 29.74 -8.29
C LYS A 318 -2.19 29.82 -9.82
N LEU A 319 -1.04 29.74 -10.48
CA LEU A 319 -1.00 29.78 -11.94
C LEU A 319 -1.80 28.64 -12.55
N ALA A 320 -1.73 27.46 -11.94
CA ALA A 320 -2.44 26.29 -12.44
C ALA A 320 -3.94 26.58 -12.42
N ALA A 321 -4.40 27.16 -11.32
CA ALA A 321 -5.80 27.49 -11.19
C ALA A 321 -6.16 28.59 -12.16
N GLU A 322 -5.25 29.56 -12.27
CA GLU A 322 -5.44 30.74 -13.10
C GLU A 322 -5.34 30.59 -14.61
N LYS A 323 -4.43 29.75 -15.09
CA LYS A 323 -4.27 29.63 -16.53
C LYS A 323 -4.26 28.20 -17.05
N CYS A 324 -4.31 27.23 -16.14
CA CYS A 324 -4.26 25.84 -16.55
C CYS A 324 -5.52 25.03 -16.28
N ASN A 325 -6.63 25.73 -16.05
CA ASN A 325 -7.92 25.10 -15.83
C ASN A 325 -7.83 23.95 -14.82
N ASN A 326 -7.04 24.14 -13.78
CA ASN A 326 -6.84 23.12 -12.77
C ASN A 326 -6.71 23.78 -11.39
N PRO A 327 -7.84 24.02 -10.72
CA PRO A 327 -7.88 24.65 -9.40
C PRO A 327 -7.75 23.71 -8.20
N ARG A 328 -7.63 22.41 -8.46
CA ARG A 328 -7.49 21.45 -7.36
C ARG A 328 -6.12 20.77 -7.37
N LEU A 329 -5.21 21.32 -8.16
CA LEU A 329 -3.87 20.75 -8.27
C LEU A 329 -3.17 20.75 -6.91
N ARG A 330 -2.47 19.66 -6.65
CA ARG A 330 -1.73 19.49 -5.41
C ARG A 330 -0.26 19.33 -5.72
N HIS A 331 0.56 19.68 -4.73
CA HIS A 331 2.01 19.56 -4.85
C HIS A 331 2.49 18.50 -3.87
N ASN A 332 3.63 17.91 -4.15
CA ASN A 332 4.19 16.90 -3.25
C ASN A 332 5.64 16.79 -3.62
N GLN A 333 6.40 16.08 -2.80
CA GLN A 333 7.80 15.87 -3.12
C GLN A 333 8.31 14.52 -2.65
N ILE A 334 9.31 14.04 -3.36
CA ILE A 334 9.91 12.76 -3.04
C ILE A 334 11.36 13.03 -2.71
N TRP A 335 11.80 12.51 -1.58
CA TRP A 335 13.17 12.69 -1.14
C TRP A 335 13.91 11.37 -1.23
N GLY A 336 15.19 11.41 -1.57
CA GLY A 336 15.94 10.18 -1.66
C GLY A 336 17.31 10.46 -2.20
N THR A 338 20.50 8.33 -4.87
CA THR A 338 20.83 7.22 -5.74
C THR A 338 21.04 5.86 -5.08
N GLU A 339 21.61 5.83 -3.88
CA GLU A 339 21.84 4.56 -3.19
C GLU A 339 20.53 3.89 -2.76
N ALA A 340 19.41 4.58 -2.96
CA ALA A 340 18.11 4.03 -2.60
C ALA A 340 17.16 3.80 -3.78
N CYS A 341 17.72 3.76 -4.98
CA CYS A 341 16.97 3.47 -6.21
C CYS A 341 16.12 4.50 -6.97
N PRO A 342 15.97 5.74 -6.48
CA PRO A 342 16.45 6.46 -5.31
C PRO A 342 15.33 6.90 -4.34
N VAL A 344 12.92 7.36 -1.39
CA VAL A 344 12.91 7.05 0.04
C VAL A 344 11.69 7.56 0.83
N THR A 345 11.34 8.84 0.70
CA THR A 345 10.19 9.39 1.41
C THR A 345 9.34 10.29 0.53
N THR A 346 8.08 10.41 0.93
CA THR A 346 7.12 11.27 0.30
C THR A 346 5.97 11.48 1.27
N ASN A 347 5.19 12.52 1.03
CA ASN A 347 4.04 12.83 1.86
C ASN A 347 2.81 12.00 1.53
N PRO A 348 2.21 11.38 2.56
CA PRO A 348 1.01 10.56 2.32
C PRO A 348 -0.05 11.44 1.68
N PRO A 349 -0.82 10.88 0.73
CA PRO A 349 -1.87 11.64 0.05
C PRO A 349 -2.89 12.26 1.01
N LEU A 350 -2.96 11.73 2.23
CA LEU A 350 -3.89 12.25 3.22
C LEU A 350 -3.34 13.51 3.87
N ARG A 351 -2.03 13.71 3.79
CA ARG A 351 -1.42 14.89 4.38
C ARG A 351 -0.57 15.70 3.39
N LEU A 352 -1.15 16.07 2.25
CA LEU A 352 -0.40 16.87 1.26
C LEU A 352 -0.22 18.29 1.75
N ASP A 353 -0.87 18.62 2.87
CA ASP A 353 -0.72 19.96 3.43
C ASP A 353 0.70 20.06 3.97
N LYS A 354 1.38 18.92 4.02
CA LYS A 354 2.76 18.85 4.50
C LYS A 354 3.72 18.71 3.32
N SER A 355 3.26 19.04 2.12
CA SER A 355 4.05 18.90 0.91
C SER A 355 5.35 19.72 0.95
N THR A 356 5.45 20.61 1.95
CA THR A 356 6.65 21.41 2.09
C THR A 356 7.73 20.64 2.86
N THR A 357 7.36 19.50 3.45
CA THR A 357 8.32 18.66 4.17
C THR A 357 8.68 17.50 3.23
N GLN A 358 9.65 16.68 3.62
CA GLN A 358 10.04 15.55 2.78
C GLN A 358 9.20 14.30 3.00
N GLY A 359 8.18 14.39 3.86
CA GLY A 359 7.30 13.25 4.10
C GLY A 359 7.70 12.15 5.08
N VAL A 360 7.15 10.96 4.87
CA VAL A 360 7.44 9.82 5.72
C VAL A 360 8.06 8.72 4.88
N PRO A 361 8.80 7.80 5.51
CA PRO A 361 9.42 6.71 4.74
C PRO A 361 8.37 5.88 4.01
N SER A 363 6.99 2.30 2.11
CA SER A 363 6.83 0.92 2.58
C SER A 363 8.13 0.24 2.93
N ASP A 364 8.14 -0.36 4.11
CA ASP A 364 9.29 -1.12 4.61
C ASP A 364 10.63 -0.39 4.72
N ILE A 365 10.58 0.93 4.71
CA ILE A 365 11.81 1.69 4.85
C ILE A 365 11.86 2.19 6.29
N GLU A 366 12.99 1.96 6.95
CA GLU A 366 13.15 2.41 8.32
C GLU A 366 14.14 3.58 8.33
N LEU A 367 13.78 4.64 9.02
CA LEU A 367 14.61 5.83 9.08
C LEU A 367 14.85 6.31 10.51
N LYS A 368 16.08 6.73 10.77
CA LYS A 368 16.49 7.25 12.08
C LYS A 368 17.39 8.47 11.90
N VAL A 369 17.52 9.25 12.97
CA VAL A 369 18.36 10.44 12.98
C VAL A 369 19.42 10.20 14.05
N ILE A 370 20.69 10.20 13.66
CA ILE A 370 21.79 9.98 14.61
C ILE A 370 22.60 11.25 14.82
N SER A 371 23.11 11.42 16.04
CA SER A 371 23.90 12.59 16.42
C SER A 371 25.19 12.72 15.62
N LEU A 372 25.45 13.91 15.07
CA LEU A 372 26.65 14.17 14.29
C LEU A 372 27.92 14.07 15.13
N GLU A 373 27.79 14.34 16.42
CA GLU A 373 28.94 14.28 17.33
C GLU A 373 29.27 12.87 17.79
N ASP A 374 28.44 12.30 18.67
CA ASP A 374 28.69 10.97 19.19
C ASP A 374 28.24 9.83 18.28
N GLY A 375 26.97 9.84 17.89
CA GLY A 375 26.45 8.80 17.01
C GLY A 375 25.24 8.08 17.58
N ARG A 376 24.74 8.57 18.72
CA ARG A 376 23.58 7.99 19.37
C ARG A 376 22.31 8.37 18.63
N GLU A 377 21.35 7.45 18.57
CA GLU A 377 20.09 7.72 17.88
C GLU A 377 19.36 8.86 18.58
N LEU A 378 18.92 9.84 17.79
CA LEU A 378 18.20 10.97 18.35
C LEU A 378 16.70 10.79 18.22
N GLY A 379 15.95 11.62 18.94
CA GLY A 379 14.51 11.54 18.89
C GLY A 379 13.93 12.67 18.08
N VAL A 380 12.62 12.87 18.23
CA VAL A 380 11.89 13.90 17.52
C VAL A 380 12.48 15.29 17.77
N GLY A 381 12.28 16.19 16.81
CA GLY A 381 12.75 17.55 16.96
C GLY A 381 14.24 17.78 16.99
N GLU A 382 15.04 16.72 17.12
CA GLU A 382 16.49 16.86 17.18
C GLU A 382 17.17 16.69 15.83
N SER A 383 18.07 17.61 15.49
CA SER A 383 18.78 17.57 14.22
C SER A 383 20.03 16.65 14.19
N GLY A 384 20.15 15.86 13.13
CA GLY A 384 21.28 14.96 13.01
C GLY A 384 21.35 14.33 11.63
N GLU A 385 22.27 13.39 11.45
CA GLU A 385 22.41 12.71 10.16
C GLU A 385 21.32 11.65 10.00
N ILE A 386 20.73 11.60 8.81
CA ILE A 386 19.69 10.65 8.49
C ILE A 386 20.31 9.34 8.03
N VAL A 387 19.83 8.22 8.60
CA VAL A 387 20.32 6.90 8.22
C VAL A 387 19.08 6.09 7.82
N ILE A 388 19.23 5.22 6.82
CA ILE A 388 18.08 4.46 6.36
C ILE A 388 18.33 2.99 6.08
N ARG A 389 17.27 2.21 6.21
CA ARG A 389 17.28 0.76 6.00
C ARG A 389 16.01 0.34 5.26
N GLY A 390 16.16 -0.53 4.27
CA GLY A 390 15.02 -0.98 3.49
C GLY A 390 15.42 -1.91 2.36
N PRO A 391 14.46 -2.55 1.66
CA PRO A 391 14.77 -3.47 0.57
C PRO A 391 15.33 -2.77 -0.67
N ASN A 392 15.22 -1.45 -0.71
CA ASN A 392 15.69 -0.66 -1.84
C ASN A 392 17.11 -0.11 -1.67
N ILE A 393 17.70 -0.33 -0.49
CA ILE A 393 19.06 0.16 -0.24
C ILE A 393 20.06 -0.64 -1.08
N PHE A 394 20.98 0.07 -1.74
CA PHE A 394 21.95 -0.55 -2.63
C PHE A 394 22.87 -1.58 -2.01
N LYS A 395 23.44 -2.41 -2.88
CA LYS A 395 24.37 -3.44 -2.47
C LYS A 395 25.67 -2.75 -2.03
N GLY A 396 26.09 -1.74 -2.79
CA GLY A 396 27.31 -1.01 -2.47
C GLY A 396 27.87 -0.30 -3.70
N TYR A 397 28.96 0.45 -3.51
CA TYR A 397 29.59 1.19 -4.61
C TYR A 397 30.52 0.30 -5.43
N TRP A 398 30.60 0.60 -6.72
CA TRP A 398 31.43 -0.14 -7.65
C TRP A 398 32.90 0.20 -7.43
N LYS A 399 33.69 -0.84 -7.15
CA LYS A 399 35.11 -0.72 -6.89
C LYS A 399 35.52 0.56 -6.15
N ARG A 400 35.06 0.65 -4.90
CA ARG A 400 35.36 1.76 -4.02
C ARG A 400 35.34 1.20 -2.60
N GLU A 401 36.14 0.16 -2.37
CA GLU A 401 36.23 -0.52 -1.07
C GLU A 401 36.16 0.36 0.17
N LYS A 402 37.00 1.38 0.22
CA LYS A 402 37.02 2.27 1.38
C LYS A 402 35.66 2.89 1.66
N GLU A 403 34.97 3.32 0.59
CA GLU A 403 33.66 3.93 0.74
C GLU A 403 32.69 2.94 1.34
N ASN A 404 32.75 1.71 0.85
CA ASN A 404 31.88 0.63 1.30
C ASN A 404 32.14 0.21 2.75
N GLN A 405 33.04 0.90 3.42
CA GLN A 405 33.36 0.56 4.80
C GLN A 405 33.03 1.69 5.76
N GLU A 406 32.64 2.84 5.21
CA GLU A 406 32.33 3.98 6.04
C GLU A 406 30.96 4.61 5.82
N CYS A 407 30.09 3.93 5.09
CA CYS A 407 28.76 4.46 4.81
C CYS A 407 27.69 3.66 5.53
N TRP A 408 28.10 2.95 6.59
CA TRP A 408 27.16 2.12 7.35
C TRP A 408 27.08 2.46 8.82
N TRP A 409 25.87 2.33 9.38
CA TRP A 409 25.61 2.61 10.79
C TRP A 409 24.84 1.41 11.32
N TYR A 410 24.93 1.15 12.61
CA TYR A 410 24.26 0.00 13.18
C TYR A 410 23.41 0.34 14.41
N ASP A 411 22.25 -0.29 14.52
CA ASP A 411 21.38 -0.05 15.67
C ASP A 411 21.67 -1.05 16.80
N GLU A 412 20.88 -1.00 17.86
CA GLU A 412 21.07 -1.88 19.02
C GLU A 412 20.95 -3.37 18.74
N LYS A 413 20.45 -3.73 17.56
CA LYS A 413 20.28 -5.13 17.20
C LYS A 413 21.31 -5.53 16.15
N GLY A 414 22.30 -4.67 15.95
CA GLY A 414 23.33 -4.94 14.97
C GLY A 414 22.87 -4.81 13.53
N ARG A 415 21.70 -4.23 13.32
CA ARG A 415 21.14 -4.07 11.97
C ARG A 415 21.77 -2.90 11.23
N LYS A 416 22.10 -3.13 9.96
CA LYS A 416 22.75 -2.13 9.12
C LYS A 416 21.84 -1.06 8.51
N PHE A 417 22.31 0.18 8.56
CA PHE A 417 21.62 1.35 8.00
C PHE A 417 22.62 2.14 7.13
N PHE A 418 22.11 2.77 6.08
CA PHE A 418 22.95 3.56 5.19
C PHE A 418 23.02 5.02 5.64
N ARG A 419 24.24 5.49 5.92
CA ARG A 419 24.45 6.88 6.33
C ARG A 419 24.25 7.72 5.06
N THR A 420 23.22 8.56 5.05
CA THR A 420 22.89 9.38 3.88
C THR A 420 23.75 10.60 3.60
N GLY A 421 24.53 11.03 4.58
CA GLY A 421 25.33 12.22 4.37
C GLY A 421 24.43 13.44 4.39
N ASP A 422 23.20 13.23 4.84
CA ASP A 422 22.23 14.31 4.92
C ASP A 422 21.84 14.61 6.36
N VAL A 423 21.57 15.88 6.63
CA VAL A 423 21.17 16.32 7.95
C VAL A 423 19.70 16.77 7.95
N GLY A 424 18.97 16.38 9.00
CA GLY A 424 17.58 16.75 9.12
C GLY A 424 16.98 16.33 10.45
N PHE A 425 15.67 16.49 10.60
CA PHE A 425 14.98 16.09 11.82
C PHE A 425 13.56 15.61 11.50
N ILE A 426 12.93 14.98 12.49
CA ILE A 426 11.58 14.47 12.34
C ILE A 426 10.68 15.37 13.18
N ASP A 427 9.59 15.87 12.59
CA ASP A 427 8.71 16.73 13.39
C ASP A 427 7.77 15.96 14.30
N GLU A 428 6.92 16.70 15.01
CA GLU A 428 5.94 16.13 15.94
C GLU A 428 4.93 15.19 15.27
N GLU A 429 4.83 15.27 13.95
CA GLU A 429 3.88 14.43 13.23
C GLU A 429 4.54 13.29 12.49
N GLY A 430 5.85 13.13 12.71
CA GLY A 430 6.58 12.06 12.06
C GLY A 430 7.08 12.38 10.67
N PHE A 431 6.98 13.64 10.25
CA PHE A 431 7.44 14.03 8.92
C PHE A 431 8.89 14.48 8.90
N LEU A 432 9.58 14.13 7.83
CA LEU A 432 10.99 14.46 7.66
C LEU A 432 11.26 15.87 7.15
N HIS A 433 12.12 16.58 7.86
CA HIS A 433 12.55 17.92 7.46
C HIS A 433 14.03 17.84 7.10
N PHE A 434 14.34 17.82 5.81
CA PHE A 434 15.73 17.77 5.35
C PHE A 434 16.27 19.19 5.42
N GLN A 435 17.32 19.38 6.21
CA GLN A 435 17.91 20.70 6.37
C GLN A 435 19.02 20.97 5.35
N ASP A 436 19.99 20.08 5.27
CA ASP A 436 21.10 20.27 4.32
C ASP A 436 22.10 19.12 4.39
N ARG A 437 22.98 19.05 3.39
CA ARG A 437 23.99 17.99 3.35
C ARG A 437 25.17 18.36 4.24
N VAL A 438 25.89 17.35 4.71
CA VAL A 438 27.03 17.55 5.58
C VAL A 438 28.16 18.29 4.86
N PRO A 451 31.87 24.67 10.94
CA PRO A 451 32.65 25.69 10.25
C PRO A 451 31.80 26.89 9.86
N PHE A 452 30.68 26.62 9.21
CA PHE A 452 29.77 27.68 8.80
C PHE A 452 29.14 28.25 10.06
N GLU A 453 29.09 27.43 11.10
CA GLU A 453 28.53 27.86 12.37
C GLU A 453 29.44 28.95 12.96
N LEU A 454 30.72 28.91 12.58
CA LEU A 454 31.69 29.88 13.07
C LEU A 454 31.77 31.12 12.20
N GLU A 455 31.78 30.93 10.88
CA GLU A 455 31.84 32.06 9.95
C GLU A 455 30.59 32.89 10.17
N ALA A 456 29.47 32.21 10.40
CA ALA A 456 28.20 32.87 10.63
C ALA A 456 28.26 33.63 11.94
N LEU A 457 28.70 32.96 12.99
CA LEU A 457 28.84 33.56 14.32
C LEU A 457 29.78 34.76 14.29
N LEU A 458 30.94 34.60 13.66
CA LEU A 458 31.93 35.69 13.58
C LEU A 458 31.44 36.87 12.75
N LYS A 460 28.91 38.16 12.97
CA LYS A 460 28.09 38.94 13.89
C LYS A 460 29.00 39.78 14.82
N HIS A 461 30.30 39.82 14.49
CA HIS A 461 31.24 40.65 15.27
C HIS A 461 31.34 41.92 14.44
N GLU A 462 30.78 43.02 14.94
CA GLU A 462 30.78 44.24 14.17
C GLU A 462 32.13 44.90 13.94
N ALA A 463 33.17 44.07 13.89
CA ALA A 463 34.53 44.52 13.61
C ALA A 463 35.01 43.65 12.48
N VAL A 464 34.31 42.52 12.33
CA VAL A 464 34.62 41.55 11.29
C VAL A 464 33.83 41.92 10.04
N ASP A 466 34.63 40.19 6.84
CA ASP A 466 34.56 38.98 6.07
C ASP A 466 35.36 37.98 6.87
N VAL A 467 34.89 36.73 6.87
CA VAL A 467 35.52 35.70 7.64
C VAL A 467 35.47 34.38 6.94
N ALA A 468 36.54 33.63 7.13
CA ALA A 468 36.69 32.31 6.56
C ALA A 468 37.42 31.46 7.59
N VAL A 469 36.84 30.32 7.92
CA VAL A 469 37.46 29.43 8.89
C VAL A 469 37.97 28.17 8.20
N ILE A 470 39.11 27.69 8.66
CA ILE A 470 39.71 26.49 8.09
C ILE A 470 40.10 25.57 9.23
N GLY A 471 40.21 24.29 8.94
CA GLY A 471 40.63 23.35 9.97
C GLY A 471 42.13 23.30 9.86
N LYS A 472 42.85 23.52 10.96
CA LYS A 472 44.30 23.48 10.91
C LYS A 472 44.85 22.18 11.47
N PRO A 473 45.88 21.62 10.82
CA PRO A 473 46.50 20.37 11.26
C PRO A 473 46.86 20.43 12.74
N ASP A 474 46.78 19.29 13.41
CA ASP A 474 47.11 19.22 14.84
C ASP A 474 48.48 19.82 15.11
N PRO A 481 40.49 24.66 14.63
CA PRO A 481 40.01 25.58 13.59
C PRO A 481 40.69 26.95 13.63
N LYS A 482 41.10 27.43 12.46
CA LYS A 482 41.75 28.72 12.34
C LYS A 482 40.87 29.65 11.52
N ALA A 483 40.70 30.88 11.98
CA ALA A 483 39.86 31.83 11.26
C ALA A 483 40.62 32.98 10.60
N PHE A 484 40.49 33.08 9.28
CA PHE A 484 41.12 34.16 8.54
C PHE A 484 40.10 35.29 8.59
N ILE A 485 40.51 36.45 9.08
CA ILE A 485 39.58 37.56 9.20
C ILE A 485 39.98 38.85 8.53
N VAL A 486 38.99 39.48 7.90
CA VAL A 486 39.19 40.75 7.25
C VAL A 486 38.47 41.76 8.15
N LEU A 487 39.26 42.54 8.88
CA LEU A 487 38.71 43.55 9.78
C LEU A 487 38.28 44.77 8.98
N LYS A 488 37.21 45.42 9.42
CA LYS A 488 36.74 46.60 8.74
C LYS A 488 37.85 47.66 8.79
N PRO A 489 37.89 48.57 7.81
CA PRO A 489 38.94 49.60 7.79
C PRO A 489 38.89 50.32 9.13
N GLU A 490 37.68 50.74 9.51
CA GLU A 490 37.43 51.45 10.74
C GLU A 490 38.25 50.93 11.91
N TYR A 491 38.14 49.63 12.18
CA TYR A 491 38.82 48.99 13.30
C TYR A 491 40.15 48.32 12.99
N ARG A 492 40.81 48.72 11.91
CA ARG A 492 42.10 48.13 11.55
C ARG A 492 43.23 48.46 12.55
N GLY A 493 43.68 47.45 13.27
CA GLY A 493 44.75 47.64 14.24
C GLY A 493 44.29 47.83 15.68
N LYS A 494 42.98 48.01 15.87
CA LYS A 494 42.43 48.24 17.20
C LYS A 494 41.87 46.98 17.88
N VAL A 495 41.97 45.84 17.20
CA VAL A 495 41.49 44.58 17.76
C VAL A 495 42.53 43.50 17.47
N ASP A 496 42.89 42.72 18.48
CA ASP A 496 43.89 41.68 18.28
C ASP A 496 43.30 40.28 18.09
N GLU A 497 44.15 39.27 18.19
CA GLU A 497 43.74 37.89 18.02
C GLU A 497 43.00 37.36 19.23
N GLU A 498 43.47 37.72 20.42
CA GLU A 498 42.84 37.26 21.64
C GLU A 498 41.43 37.83 21.78
N ASP A 499 41.21 39.04 21.25
CA ASP A 499 39.89 39.65 21.33
C ASP A 499 38.89 38.74 20.62
N ILE A 500 39.23 38.35 19.41
CA ILE A 500 38.40 37.47 18.62
C ILE A 500 38.18 36.14 19.34
N ILE A 501 39.27 35.47 19.69
CA ILE A 501 39.20 34.19 20.39
C ILE A 501 38.30 34.26 21.63
N GLU A 502 38.52 35.27 22.47
CA GLU A 502 37.73 35.45 23.69
C GLU A 502 36.26 35.70 23.37
N TRP A 503 36.03 36.49 22.33
CA TRP A 503 34.69 36.83 21.87
C TRP A 503 33.91 35.58 21.46
N VAL A 504 34.50 34.75 20.60
CA VAL A 504 33.82 33.55 20.14
C VAL A 504 33.69 32.52 21.26
N ARG A 505 34.69 32.49 22.14
CA ARG A 505 34.71 31.56 23.26
C ARG A 505 33.51 31.79 24.18
N GLU A 506 33.04 33.03 24.24
CA GLU A 506 31.89 33.40 25.08
C GLU A 506 30.56 33.19 24.39
N ARG A 507 30.58 32.69 23.15
CA ARG A 507 29.34 32.52 22.42
C ARG A 507 29.16 31.18 21.71
N ILE A 508 30.17 30.32 21.81
CA ILE A 508 30.10 29.01 21.16
C ILE A 508 30.72 27.97 22.11
N SER A 509 30.48 26.70 21.82
CA SER A 509 31.04 25.62 22.64
C SER A 509 32.13 24.87 21.90
N ARG A 515 34.47 23.56 19.28
CA ARG A 515 34.07 24.50 18.23
C ARG A 515 34.86 25.79 18.29
N GLU A 516 35.18 26.20 19.51
CA GLU A 516 35.96 27.41 19.76
C GLU A 516 37.12 27.57 18.76
N VAL A 517 37.25 28.75 18.17
CA VAL A 517 38.34 29.01 17.24
C VAL A 517 39.63 29.03 18.05
N GLU A 518 40.59 28.20 17.65
CA GLU A 518 41.87 28.11 18.35
C GLU A 518 42.90 29.16 17.90
N PHE A 519 42.81 29.59 16.65
CA PHE A 519 43.75 30.59 16.13
C PHE A 519 43.14 31.52 15.08
N VAL A 520 43.55 32.78 15.13
CA VAL A 520 43.06 33.81 14.22
C VAL A 520 44.20 34.51 13.48
N GLU A 521 43.89 35.03 12.30
CA GLU A 521 44.86 35.75 11.49
C GLU A 521 44.16 36.77 10.60
N GLU A 522 44.55 38.03 10.73
CA GLU A 522 43.96 39.10 9.95
C GLU A 522 44.60 39.17 8.56
N LEU A 523 43.77 39.26 7.53
CA LEU A 523 44.27 39.34 6.17
C LEU A 523 43.27 40.11 5.30
N PRO A 524 43.49 41.41 5.12
CA PRO A 524 42.64 42.29 4.31
C PRO A 524 42.65 41.92 2.83
N GLU B 4 -16.11 8.45 -20.88
CA GLU B 4 -16.08 9.95 -20.79
C GLU B 4 -15.64 10.41 -19.40
N LEU B 5 -14.46 9.96 -18.98
CA LEU B 5 -13.92 10.33 -17.66
C LEU B 5 -13.29 11.71 -17.69
N LYS B 6 -13.57 12.51 -16.66
CA LYS B 6 -13.03 13.86 -16.55
C LYS B 6 -11.95 13.91 -15.48
N TYR B 7 -11.80 12.81 -14.74
CA TYR B 7 -10.81 12.68 -13.68
C TYR B 7 -10.41 11.21 -13.69
N LYS B 8 -9.13 10.93 -13.53
CA LYS B 8 -8.66 9.55 -13.56
C LYS B 8 -7.84 9.17 -12.32
N ILE B 9 -8.35 8.23 -11.53
CA ILE B 9 -7.64 7.79 -10.34
C ILE B 9 -7.93 6.32 -10.02
N GLY B 10 -6.94 5.67 -9.43
CA GLY B 10 -7.07 4.26 -9.08
C GLY B 10 -6.05 3.85 -8.04
N PHE B 11 -5.98 2.55 -7.77
CA PHE B 11 -5.01 2.04 -6.81
C PHE B 11 -4.05 1.18 -7.59
N PRO B 12 -2.75 1.24 -7.29
CA PRO B 12 -1.69 0.49 -7.96
C PRO B 12 -1.72 -1.03 -7.87
N SER B 13 -1.34 -1.67 -8.97
CA SER B 13 -1.26 -3.12 -9.07
C SER B 13 -0.18 -3.58 -8.09
N LEU B 14 -0.43 -4.66 -7.36
CA LEU B 14 0.53 -5.16 -6.39
C LEU B 14 0.99 -6.56 -6.74
N TYR B 15 1.92 -7.10 -5.95
CA TYR B 15 2.37 -8.48 -6.16
C TYR B 15 1.76 -9.27 -5.02
N TYR B 16 1.11 -10.37 -5.33
CA TYR B 16 0.49 -11.19 -4.30
C TYR B 16 1.25 -12.50 -4.25
N PRO B 17 1.84 -12.82 -3.08
CA PRO B 17 2.60 -14.07 -2.93
C PRO B 17 1.70 -15.30 -2.77
N LYS B 18 2.20 -16.45 -3.18
CA LYS B 18 1.44 -17.69 -3.07
C LYS B 18 1.83 -18.29 -1.72
N ILE B 19 1.06 -17.96 -0.68
CA ILE B 19 1.38 -18.43 0.67
C ILE B 19 0.16 -18.86 1.46
N SER B 20 0.43 -19.56 2.55
CA SER B 20 -0.62 -19.99 3.45
C SER B 20 -0.85 -18.72 4.26
N LEU B 21 -2.08 -18.46 4.66
CA LEU B 21 -2.35 -17.26 5.46
C LEU B 21 -1.53 -17.34 6.74
N ALA B 22 -1.15 -18.54 7.14
CA ALA B 22 -0.38 -18.73 8.38
C ALA B 22 1.05 -18.22 8.30
N ASP B 23 1.63 -18.23 7.10
CA ASP B 23 3.00 -17.76 6.91
C ASP B 23 3.13 -16.32 7.40
N ARG B 24 2.05 -15.55 7.29
CA ARG B 24 2.10 -14.16 7.73
C ARG B 24 2.20 -14.04 9.24
N ILE B 25 1.67 -15.03 9.95
CA ILE B 25 1.77 -15.01 11.41
C ILE B 25 3.27 -15.06 11.73
N ASP B 26 3.97 -16.00 11.12
CA ASP B 26 5.40 -16.17 11.30
C ASP B 26 6.13 -14.90 10.87
N ALA B 27 5.83 -14.42 9.68
CA ALA B 27 6.46 -13.21 9.16
C ALA B 27 6.24 -11.99 10.04
N ALA B 28 5.02 -11.85 10.57
CA ALA B 28 4.70 -10.72 11.42
C ALA B 28 5.52 -10.76 12.71
N ALA B 29 5.74 -11.97 13.21
CA ALA B 29 6.53 -12.14 14.43
C ALA B 29 7.97 -11.73 14.17
N GLU B 30 8.49 -12.09 13.00
CA GLU B 30 9.86 -11.78 12.64
C GLU B 30 10.02 -10.30 12.36
N LYS B 31 9.05 -9.70 11.72
CA LYS B 31 9.16 -8.28 11.38
C LYS B 31 8.79 -7.28 12.49
N PHE B 32 7.77 -7.58 13.29
CA PHE B 32 7.35 -6.64 14.33
C PHE B 32 7.70 -7.04 15.77
N GLY B 33 8.12 -8.29 15.96
CA GLY B 33 8.52 -8.75 17.28
C GLY B 33 7.62 -8.38 18.46
N GLU B 34 8.19 -7.65 19.42
CA GLU B 34 7.47 -7.25 20.63
C GLU B 34 6.42 -6.15 20.51
N LYS B 35 6.23 -5.60 19.32
CA LYS B 35 5.21 -4.58 19.13
C LYS B 35 3.86 -5.17 19.54
N THR B 36 3.03 -4.41 20.26
CA THR B 36 1.71 -4.88 20.70
C THR B 36 0.81 -5.06 19.47
N ALA B 37 0.36 -6.29 19.26
CA ALA B 37 -0.47 -6.65 18.12
C ALA B 37 -1.95 -6.48 18.37
N ILE B 38 -2.41 -7.01 19.50
CA ILE B 38 -3.82 -6.97 19.84
C ILE B 38 -4.02 -6.73 21.33
N ILE B 39 -5.05 -5.94 21.64
CA ILE B 39 -5.40 -5.60 23.01
C ILE B 39 -6.90 -5.82 23.21
N SER B 40 -7.27 -6.41 24.34
CA SER B 40 -8.67 -6.66 24.65
C SER B 40 -9.23 -5.52 25.53
N ALA B 41 -10.23 -4.82 25.03
CA ALA B 41 -10.83 -3.72 25.78
C ALA B 41 -12.30 -4.01 26.15
N GLU B 42 -12.88 -3.16 26.99
CA GLU B 42 -14.27 -3.34 27.42
C GLU B 42 -15.25 -2.93 26.31
N PRO B 43 -16.42 -3.58 26.25
CA PRO B 43 -16.79 -4.66 27.18
C PRO B 43 -16.18 -5.98 26.71
N LYS B 44 -15.71 -6.79 27.64
CA LYS B 44 -15.10 -8.06 27.25
C LYS B 44 -15.65 -9.33 27.86
N PHE B 45 -15.67 -10.36 27.02
CA PHE B 45 -16.15 -11.68 27.41
C PHE B 45 -14.99 -12.46 28.01
N PRO B 46 -15.31 -13.48 28.82
CA PRO B 46 -14.25 -14.29 29.44
C PRO B 46 -13.28 -14.77 28.36
N SER B 47 -11.98 -14.74 28.66
CA SER B 47 -10.93 -15.14 27.71
C SER B 47 -9.90 -16.08 28.32
N GLU B 48 -9.26 -16.89 27.48
CA GLU B 48 -8.21 -17.80 27.95
C GLU B 48 -6.84 -17.22 27.62
N PHE B 49 -6.83 -15.94 27.26
CA PHE B 49 -5.59 -15.24 26.90
C PHE B 49 -5.46 -13.96 27.70
N PRO B 50 -4.24 -13.39 27.74
CA PRO B 50 -4.05 -12.14 28.48
C PRO B 50 -4.74 -10.94 27.83
N GLU B 51 -4.64 -9.79 28.48
CA GLU B 51 -5.26 -8.56 28.00
C GLU B 51 -4.70 -8.08 26.66
N SER B 52 -3.44 -8.44 26.40
CA SER B 52 -2.81 -8.06 25.15
C SER B 52 -1.70 -9.04 24.80
N ASN B 54 1.83 -9.65 21.82
CA ASN B 54 2.67 -9.12 20.78
C ASN B 54 2.71 -10.17 19.68
N PHE B 55 3.35 -9.85 18.56
CA PHE B 55 3.42 -10.77 17.43
C PHE B 55 4.14 -12.09 17.72
N LEU B 56 5.13 -12.06 18.61
CA LEU B 56 5.85 -13.29 18.95
C LEU B 56 4.90 -14.24 19.70
N GLU B 57 4.07 -13.69 20.58
CA GLU B 57 3.11 -14.47 21.37
C GLU B 57 2.03 -15.09 20.48
N ILE B 58 1.51 -14.30 19.55
CA ILE B 58 0.48 -14.79 18.64
C ILE B 58 1.07 -15.94 17.87
N CYS B 59 2.29 -15.73 17.41
CA CYS B 59 3.00 -16.74 16.67
C CYS B 59 3.11 -18.05 17.44
N GLU B 60 3.65 -17.97 18.65
CA GLU B 60 3.86 -19.16 19.48
C GLU B 60 2.56 -19.81 19.95
N VAL B 61 1.65 -19.02 20.49
CA VAL B 61 0.38 -19.54 20.97
C VAL B 61 -0.36 -20.30 19.87
N THR B 62 -0.40 -19.75 18.66
CA THR B 62 -1.09 -20.41 17.55
C THR B 62 -0.42 -21.68 17.10
N LYS B 63 0.91 -21.75 17.22
CA LYS B 63 1.62 -22.97 16.83
C LYS B 63 1.20 -24.09 17.78
N LYS B 64 1.16 -23.76 19.07
CA LYS B 64 0.81 -24.73 20.11
C LYS B 64 -0.65 -25.20 20.02
N LEU B 65 -1.56 -24.26 19.76
CA LEU B 65 -2.97 -24.59 19.65
C LEU B 65 -3.19 -25.47 18.43
N ALA B 66 -2.47 -25.16 17.35
CA ALA B 66 -2.54 -25.91 16.11
C ALA B 66 -2.10 -27.35 16.33
N SER B 67 -0.95 -27.50 16.98
CA SER B 67 -0.41 -28.81 17.29
C SER B 67 -1.40 -29.62 18.14
N GLY B 68 -1.95 -28.96 19.15
CA GLY B 68 -2.88 -29.61 20.04
C GLY B 68 -4.19 -29.99 19.40
N ILE B 69 -4.74 -29.08 18.60
CA ILE B 69 -6.00 -29.34 17.93
C ILE B 69 -5.79 -30.45 16.90
N SER B 70 -4.63 -30.43 16.27
CA SER B 70 -4.28 -31.43 15.27
C SER B 70 -4.20 -32.80 15.93
N ARG B 71 -3.48 -32.88 17.03
CA ARG B 71 -3.34 -34.14 17.76
C ARG B 71 -4.70 -34.61 18.24
N LYS B 72 -5.61 -33.66 18.46
CA LYS B 72 -6.96 -34.00 18.91
C LYS B 72 -7.83 -34.49 17.76
N GLY B 73 -7.30 -34.51 16.54
CA GLY B 73 -8.09 -35.00 15.42
C GLY B 73 -8.45 -34.11 14.25
N VAL B 74 -8.33 -32.79 14.39
CA VAL B 74 -8.68 -31.89 13.29
C VAL B 74 -7.72 -32.14 12.13
N ARG B 75 -8.25 -32.26 10.92
CA ARG B 75 -7.43 -32.54 9.76
C ARG B 75 -7.44 -31.44 8.69
N LYS B 76 -6.49 -31.51 7.76
CA LYS B 76 -6.40 -30.53 6.68
C LYS B 76 -7.71 -30.47 5.89
N GLY B 77 -8.15 -29.26 5.55
CA GLY B 77 -9.37 -29.11 4.78
C GLY B 77 -10.65 -29.38 5.53
N GLU B 78 -10.54 -29.78 6.79
CA GLU B 78 -11.73 -30.05 7.57
C GLU B 78 -12.53 -28.77 7.82
N HIS B 79 -13.86 -28.89 7.74
CA HIS B 79 -14.72 -27.75 7.98
C HIS B 79 -14.94 -27.67 9.48
N VAL B 80 -14.45 -26.58 10.09
CA VAL B 80 -14.57 -26.40 11.52
C VAL B 80 -15.45 -25.21 11.90
N GLY B 81 -16.58 -25.49 12.56
CA GLY B 81 -17.45 -24.42 12.99
C GLY B 81 -16.79 -23.64 14.11
N VAL B 82 -16.78 -22.31 14.01
CA VAL B 82 -16.20 -21.47 15.04
C VAL B 82 -17.25 -20.45 15.48
N CYS B 83 -17.68 -20.54 16.74
CA CYS B 83 -18.69 -19.63 17.26
C CYS B 83 -18.21 -19.01 18.58
N ILE B 84 -17.54 -17.87 18.45
CA ILE B 84 -16.97 -17.15 19.59
C ILE B 84 -17.18 -15.64 19.42
N PRO B 85 -17.65 -14.96 20.47
CA PRO B 85 -17.84 -13.52 20.32
C PRO B 85 -16.48 -12.79 20.17
N ASN B 86 -16.52 -11.56 19.68
CA ASN B 86 -15.31 -10.75 19.51
C ASN B 86 -14.34 -10.93 20.68
N SER B 87 -13.15 -11.42 20.38
CA SER B 87 -12.15 -11.64 21.42
C SER B 87 -10.83 -12.07 20.81
N ILE B 88 -9.77 -12.07 21.61
CA ILE B 88 -8.49 -12.51 21.13
C ILE B 88 -8.58 -14.02 20.86
N ASP B 89 -9.48 -14.69 21.58
CA ASP B 89 -9.67 -16.14 21.43
C ASP B 89 -10.13 -16.51 20.02
N TYR B 90 -11.09 -15.76 19.50
CA TYR B 90 -11.61 -15.99 18.14
C TYR B 90 -10.46 -15.98 17.14
N VAL B 91 -9.63 -14.93 17.21
CA VAL B 91 -8.49 -14.77 16.31
C VAL B 91 -7.47 -15.90 16.48
N THR B 93 -8.02 -18.86 17.48
CA THR B 93 -8.62 -20.09 16.94
C THR B 93 -8.50 -20.16 15.43
N ILE B 94 -8.99 -19.13 14.74
CA ILE B 94 -8.92 -19.07 13.28
C ILE B 94 -7.47 -19.25 12.80
N TYR B 95 -6.55 -18.53 13.43
CA TYR B 95 -5.12 -18.61 13.05
C TYR B 95 -4.54 -20.03 13.24
N ALA B 96 -4.88 -20.66 14.35
CA ALA B 96 -4.42 -22.02 14.65
C ALA B 96 -4.97 -22.96 13.55
N LEU B 97 -6.26 -22.81 13.23
CA LEU B 97 -6.87 -23.62 12.20
C LEU B 97 -6.16 -23.43 10.86
N TRP B 98 -5.74 -22.20 10.59
CA TRP B 98 -5.03 -21.92 9.35
C TRP B 98 -3.66 -22.58 9.34
N ARG B 99 -3.02 -22.65 10.50
CA ARG B 99 -1.70 -23.29 10.58
C ARG B 99 -1.88 -24.77 10.23
N VAL B 100 -3.02 -25.34 10.63
CA VAL B 100 -3.35 -26.74 10.36
C VAL B 100 -3.99 -26.88 8.95
N ALA B 101 -4.18 -25.76 8.28
CA ALA B 101 -4.77 -25.78 6.96
C ALA B 101 -6.19 -26.36 7.00
N ALA B 102 -6.89 -26.07 8.09
CA ALA B 102 -8.27 -26.50 8.27
C ALA B 102 -9.12 -25.36 7.70
N THR B 103 -10.42 -25.59 7.56
CA THR B 103 -11.30 -24.58 7.00
C THR B 103 -12.40 -24.13 7.97
N PRO B 104 -12.15 -23.05 8.71
CA PRO B 104 -13.19 -22.59 9.63
C PRO B 104 -14.45 -22.05 8.95
N VAL B 105 -15.57 -22.22 9.63
CA VAL B 105 -16.87 -21.76 9.17
C VAL B 105 -17.32 -20.80 10.27
N PRO B 106 -17.18 -19.49 10.03
CA PRO B 106 -17.59 -18.53 11.06
C PRO B 106 -19.09 -18.59 11.31
N ILE B 107 -19.46 -18.65 12.59
CA ILE B 107 -20.86 -18.73 12.97
C ILE B 107 -21.28 -17.59 13.90
N ASN B 108 -22.32 -16.87 13.49
CA ASN B 108 -22.88 -15.75 14.24
C ASN B 108 -23.16 -16.19 15.69
N PRO B 109 -22.58 -15.48 16.66
CA PRO B 109 -22.76 -15.77 18.08
C PRO B 109 -24.20 -15.63 18.57
N TYR B 111 -26.84 -16.59 16.98
CA TYR B 111 -27.64 -17.69 16.46
C TYR B 111 -28.13 -18.58 17.56
N LYS B 112 -29.27 -19.20 17.30
CA LYS B 112 -29.89 -20.11 18.24
C LYS B 112 -30.05 -21.49 17.60
N SER B 113 -30.54 -22.42 18.40
CA SER B 113 -30.76 -23.80 18.00
C SER B 113 -31.00 -24.07 16.50
N PHE B 114 -32.09 -23.54 15.98
CA PHE B 114 -32.45 -23.73 14.58
C PHE B 114 -31.31 -23.31 13.64
N GLU B 115 -30.89 -22.06 13.75
CA GLU B 115 -29.83 -21.51 12.91
C GLU B 115 -28.52 -22.29 13.01
N LEU B 116 -28.17 -22.69 14.23
CA LEU B 116 -26.94 -23.41 14.46
C LEU B 116 -26.94 -24.79 13.81
N GLU B 117 -28.02 -25.53 13.98
CA GLU B 117 -28.14 -26.86 13.39
C GLU B 117 -27.96 -26.79 11.87
N HIS B 118 -28.69 -25.87 11.26
CA HIS B 118 -28.66 -25.71 9.80
C HIS B 118 -27.38 -25.19 9.16
N ILE B 119 -26.65 -24.28 9.81
CA ILE B 119 -25.40 -23.85 9.20
C ILE B 119 -24.38 -24.97 9.39
N LEU B 120 -24.46 -25.67 10.52
CA LEU B 120 -23.54 -26.76 10.81
C LEU B 120 -23.73 -27.91 9.83
N ASN B 121 -24.99 -28.24 9.55
CA ASN B 121 -25.29 -29.32 8.63
C ASN B 121 -25.04 -28.92 7.19
N ASP B 122 -25.44 -27.71 6.82
CA ASP B 122 -25.21 -27.27 5.45
C ASP B 122 -23.72 -27.31 5.15
N SER B 123 -22.92 -26.74 6.05
CA SER B 123 -21.46 -26.69 5.87
C SER B 123 -20.78 -28.03 6.16
N GLU B 124 -21.55 -28.98 6.68
CA GLU B 124 -21.01 -30.30 7.02
C GLU B 124 -19.81 -30.21 7.96
N ALA B 125 -19.89 -29.35 8.96
CA ALA B 125 -18.78 -29.20 9.89
C ALA B 125 -18.63 -30.47 10.71
N THR B 126 -17.39 -30.88 10.94
CA THR B 126 -17.14 -32.08 11.74
C THR B 126 -16.48 -31.73 13.09
N THR B 127 -16.25 -30.43 13.30
CA THR B 127 -15.66 -29.95 14.53
C THR B 127 -16.26 -28.59 14.87
N LEU B 128 -16.35 -28.28 16.16
CA LEU B 128 -16.90 -27.01 16.63
C LEU B 128 -16.11 -26.43 17.79
N VAL B 129 -15.70 -25.17 17.66
CA VAL B 129 -14.99 -24.47 18.72
C VAL B 129 -15.99 -23.39 19.11
N VAL B 130 -16.52 -23.48 20.33
CA VAL B 130 -17.52 -22.53 20.81
C VAL B 130 -17.20 -21.97 22.20
N HIS B 131 -17.62 -20.74 22.43
CA HIS B 131 -17.39 -20.14 23.74
C HIS B 131 -18.35 -20.83 24.73
N SER B 132 -17.87 -21.13 25.95
CA SER B 132 -18.71 -21.80 26.96
C SER B 132 -20.03 -21.08 27.20
N LEU B 134 -21.89 -19.79 25.10
CA LEU B 134 -22.82 -20.07 24.03
C LEU B 134 -23.17 -21.56 23.85
N TYR B 135 -22.43 -22.42 24.55
CA TYR B 135 -22.61 -23.85 24.46
C TYR B 135 -24.04 -24.36 24.59
N GLU B 136 -24.82 -23.79 25.50
CA GLU B 136 -26.19 -24.24 25.70
C GLU B 136 -27.05 -24.08 24.44
N ASN B 137 -26.68 -23.13 23.58
CA ASN B 137 -27.42 -22.94 22.34
C ASN B 137 -27.24 -24.11 21.38
N PHE B 138 -26.06 -24.72 21.42
CA PHE B 138 -25.73 -25.87 20.57
C PHE B 138 -26.15 -27.24 21.12
N LYS B 139 -26.00 -27.43 22.42
CA LYS B 139 -26.33 -28.69 23.09
C LYS B 139 -27.59 -29.38 22.60
N PRO B 140 -28.72 -28.67 22.50
CA PRO B 140 -29.99 -29.24 22.05
C PRO B 140 -29.96 -29.86 20.67
N VAL B 141 -29.09 -29.37 19.80
CA VAL B 141 -29.05 -29.88 18.43
C VAL B 141 -27.74 -30.46 17.94
N LEU B 142 -26.73 -30.50 18.79
CA LEU B 142 -25.46 -31.03 18.38
C LEU B 142 -25.57 -32.47 17.88
N GLU B 143 -26.35 -33.28 18.57
CA GLU B 143 -26.53 -34.69 18.20
C GLU B 143 -27.17 -34.85 16.84
N LYS B 144 -27.80 -33.78 16.35
CA LYS B 144 -28.47 -33.82 15.06
C LYS B 144 -27.57 -33.41 13.90
N THR B 145 -26.30 -33.14 14.20
CA THR B 145 -25.35 -32.71 13.18
C THR B 145 -24.24 -33.74 12.99
N GLY B 146 -23.22 -33.39 12.23
CA GLY B 146 -22.11 -34.28 12.00
C GLY B 146 -20.91 -33.93 12.84
N VAL B 147 -21.09 -33.04 13.81
CA VAL B 147 -19.99 -32.63 14.68
C VAL B 147 -19.50 -33.81 15.52
N GLU B 148 -18.21 -34.11 15.40
CA GLU B 148 -17.56 -35.20 16.13
C GLU B 148 -16.70 -34.72 17.30
N ARG B 149 -16.20 -33.49 17.19
CA ARG B 149 -15.35 -32.90 18.23
C ARG B 149 -15.79 -31.49 18.66
N VAL B 150 -15.83 -31.25 19.96
CA VAL B 150 -16.20 -29.93 20.48
C VAL B 150 -15.17 -29.35 21.44
N PHE B 151 -14.69 -28.15 21.15
CA PHE B 151 -13.73 -27.48 22.03
C PHE B 151 -14.44 -26.24 22.57
N VAL B 152 -14.32 -26.04 23.88
CA VAL B 152 -15.00 -24.95 24.56
C VAL B 152 -14.08 -23.89 25.15
N VAL B 153 -14.01 -22.75 24.48
CA VAL B 153 -13.20 -21.65 24.95
C VAL B 153 -13.74 -21.25 26.32
N GLY B 154 -12.84 -21.25 27.31
CA GLY B 154 -13.23 -20.89 28.65
C GLY B 154 -14.05 -21.97 29.33
N GLY B 155 -13.87 -23.22 28.88
CA GLY B 155 -14.60 -24.33 29.47
C GLY B 155 -13.73 -25.06 30.47
N GLU B 156 -14.28 -26.08 31.12
CA GLU B 156 -13.53 -26.86 32.09
C GLU B 156 -13.11 -28.16 31.42
N VAL B 157 -13.72 -28.42 30.27
CA VAL B 157 -13.42 -29.62 29.49
C VAL B 157 -13.12 -29.23 28.05
N ASN B 158 -11.96 -29.63 27.57
CA ASN B 158 -11.55 -29.32 26.20
C ASN B 158 -11.48 -27.82 25.91
N SER B 159 -10.88 -27.07 26.83
CA SER B 159 -10.71 -25.64 26.66
C SER B 159 -9.48 -25.41 25.78
N LEU B 160 -9.28 -24.17 25.36
CA LEU B 160 -8.14 -23.86 24.50
C LEU B 160 -6.81 -24.13 25.19
N SER B 161 -6.70 -23.73 26.46
CA SER B 161 -5.45 -23.95 27.18
C SER B 161 -5.14 -25.44 27.32
N GLU B 162 -6.17 -26.25 27.47
CA GLU B 162 -6.01 -27.69 27.60
C GLU B 162 -5.51 -28.25 26.27
N VAL B 163 -6.11 -27.77 25.18
CA VAL B 163 -5.70 -28.20 23.85
C VAL B 163 -4.25 -27.76 23.65
N ASP B 165 -1.96 -27.27 25.96
CA ASP B 165 -1.04 -28.04 26.79
C ASP B 165 -0.65 -29.31 26.06
N SER B 166 -1.56 -29.87 25.26
CA SER B 166 -1.28 -31.08 24.50
C SER B 166 -0.49 -30.79 23.23
N GLY B 167 -0.39 -29.51 22.88
CA GLY B 167 0.31 -29.14 21.68
C GLY B 167 1.79 -28.87 21.89
N SER B 168 2.53 -28.82 20.80
CA SER B 168 3.95 -28.54 20.84
C SER B 168 4.20 -27.17 20.23
N GLU B 169 5.21 -26.47 20.74
CA GLU B 169 5.54 -25.15 20.25
C GLU B 169 6.32 -25.17 18.93
N ASP B 170 6.71 -26.36 18.49
CA ASP B 170 7.49 -26.50 17.26
C ASP B 170 6.67 -26.85 16.02
N PHE B 171 5.38 -26.52 16.06
CA PHE B 171 4.51 -26.80 14.93
C PHE B 171 4.95 -26.06 13.67
N GLU B 172 4.76 -26.71 12.52
CA GLU B 172 5.14 -26.13 11.23
C GLU B 172 3.91 -26.07 10.33
N ASN B 173 3.61 -24.89 9.80
CA ASN B 173 2.43 -24.72 8.94
C ASN B 173 2.23 -25.86 7.94
N VAL B 174 0.99 -26.32 7.82
CA VAL B 174 0.66 -27.38 6.87
C VAL B 174 0.64 -26.74 5.48
N LYS B 175 1.35 -27.37 4.53
CA LYS B 175 1.42 -26.85 3.17
C LYS B 175 0.05 -26.79 2.48
N VAL B 176 -0.11 -25.80 1.62
CA VAL B 176 -1.36 -25.63 0.89
C VAL B 176 -1.13 -25.12 -0.52
N ASN B 177 -2.15 -25.29 -1.34
CA ASN B 177 -2.16 -24.80 -2.72
C ASN B 177 -2.98 -23.55 -2.45
N PRO B 178 -2.31 -22.39 -2.30
CA PRO B 178 -2.94 -21.09 -2.02
C PRO B 178 -4.20 -20.76 -2.83
N GLU B 179 -4.14 -21.01 -4.13
CA GLU B 179 -5.25 -20.72 -5.02
C GLU B 179 -6.37 -21.76 -5.09
N GLU B 180 -6.14 -22.93 -4.53
CA GLU B 180 -7.15 -23.99 -4.56
C GLU B 180 -7.74 -24.29 -3.17
N ASP B 181 -6.90 -24.30 -2.15
CA ASP B 181 -7.38 -24.63 -0.82
C ASP B 181 -8.22 -23.56 -0.11
N VAL B 182 -9.38 -23.98 0.39
CA VAL B 182 -10.30 -23.07 1.06
C VAL B 182 -9.86 -22.81 2.50
N ALA B 183 -9.70 -21.54 2.82
CA ALA B 183 -9.28 -21.14 4.15
C ALA B 183 -10.41 -20.64 5.05
N LEU B 184 -11.53 -20.24 4.46
CA LEU B 184 -12.65 -19.73 5.25
C LEU B 184 -13.96 -19.85 4.48
N ILE B 185 -15.06 -20.12 5.20
CA ILE B 185 -16.36 -20.23 4.57
C ILE B 185 -17.45 -19.42 5.28
N PRO B 186 -17.38 -18.09 5.12
CA PRO B 186 -18.38 -17.24 5.76
C PRO B 186 -19.68 -17.46 4.99
N TYR B 187 -20.82 -17.36 5.67
CA TYR B 187 -22.08 -17.54 4.99
C TYR B 187 -22.67 -16.17 4.65
N THR B 188 -23.12 -16.02 3.41
CA THR B 188 -23.68 -14.75 2.95
C THR B 188 -24.99 -14.39 3.66
N GLY B 189 -24.96 -13.28 4.39
CA GLY B 189 -26.12 -12.83 5.12
C GLY B 189 -27.08 -12.04 4.24
N GLY B 193 -30.97 -13.61 2.23
CA GLY B 193 -31.79 -13.89 1.06
C GLY B 193 -31.89 -15.38 0.87
N PRO B 195 -29.25 -18.10 1.85
CA PRO B 195 -28.00 -18.38 2.56
C PRO B 195 -27.11 -19.38 1.86
N LYS B 196 -25.82 -19.09 1.87
CA LYS B 196 -24.88 -19.99 1.26
C LYS B 196 -23.44 -19.70 1.64
N GLY B 197 -22.68 -20.78 1.76
CA GLY B 197 -21.28 -20.66 2.12
C GLY B 197 -20.43 -20.19 0.96
N VAL B 198 -19.61 -19.19 1.25
CA VAL B 198 -18.69 -18.63 0.28
C VAL B 198 -17.31 -19.21 0.55
N LEU B 200 -13.61 -19.07 0.36
CA LEU B 200 -12.51 -18.13 0.17
C LEU B 200 -11.18 -18.89 0.37
N THR B 201 -10.32 -18.82 -0.64
CA THR B 201 -9.03 -19.50 -0.62
C THR B 201 -7.98 -18.69 0.15
N HIS B 202 -6.85 -19.31 0.45
CA HIS B 202 -5.78 -18.61 1.15
C HIS B 202 -5.35 -17.40 0.31
N PHE B 203 -5.23 -17.62 -0.99
CA PHE B 203 -4.83 -16.58 -1.94
C PHE B 203 -5.82 -15.40 -1.92
N ASN B 204 -7.11 -15.69 -1.93
CA ASN B 204 -8.13 -14.64 -1.88
C ASN B 204 -7.96 -13.73 -0.66
N LEU B 205 -7.91 -14.31 0.53
CA LEU B 205 -7.79 -13.52 1.75
C LEU B 205 -6.43 -12.84 1.91
N ALA B 206 -5.37 -13.51 1.48
CA ALA B 206 -4.05 -12.91 1.56
C ALA B 206 -4.03 -11.67 0.68
N ALA B 207 -4.63 -11.79 -0.51
CA ALA B 207 -4.66 -10.67 -1.43
C ALA B 207 -5.52 -9.51 -0.94
N ASN B 208 -6.69 -9.82 -0.42
CA ASN B 208 -7.59 -8.77 0.04
C ASN B 208 -6.97 -7.97 1.19
N ALA B 209 -6.08 -8.59 1.96
CA ALA B 209 -5.42 -7.89 3.08
C ALA B 209 -4.49 -6.80 2.51
N LEU B 210 -3.68 -7.14 1.51
CA LEU B 210 -2.78 -6.19 0.88
C LEU B 210 -3.58 -5.09 0.13
N GLN B 211 -4.61 -5.52 -0.59
CA GLN B 211 -5.46 -4.59 -1.31
C GLN B 211 -6.01 -3.58 -0.29
N LEU B 212 -6.58 -4.11 0.79
CA LEU B 212 -7.16 -3.30 1.86
C LEU B 212 -6.15 -2.33 2.49
N ALA B 213 -4.94 -2.82 2.78
CA ALA B 213 -3.92 -1.97 3.37
C ALA B 213 -3.53 -0.83 2.45
N VAL B 214 -3.27 -1.16 1.19
CA VAL B 214 -2.85 -0.15 0.21
C VAL B 214 -3.94 0.89 -0.07
N ALA B 215 -5.19 0.46 -0.15
CA ALA B 215 -6.31 1.38 -0.43
C ALA B 215 -6.60 2.34 0.70
N THR B 216 -6.67 1.82 1.93
CA THR B 216 -6.95 2.63 3.11
C THR B 216 -5.73 3.40 3.58
N GLY B 217 -4.54 2.85 3.33
CA GLY B 217 -3.31 3.50 3.76
C GLY B 217 -2.93 3.05 5.16
N LEU B 218 -3.74 2.15 5.72
CA LEU B 218 -3.49 1.63 7.06
C LEU B 218 -2.14 0.92 7.14
N SER B 219 -1.39 1.21 8.19
CA SER B 219 -0.05 0.62 8.36
C SER B 219 0.34 0.35 9.82
N HIS B 220 1.61 0.00 10.02
CA HIS B 220 2.19 -0.27 11.34
C HIS B 220 2.01 0.92 12.29
N ASP B 222 -0.77 2.59 12.60
CA ASP B 222 -2.16 2.65 13.04
C ASP B 222 -2.60 1.75 14.16
N THR B 223 -3.72 2.16 14.76
CA THR B 223 -4.36 1.44 15.83
C THR B 223 -5.84 1.39 15.47
N ILE B 224 -6.33 0.20 15.19
CA ILE B 224 -7.71 0.02 14.81
C ILE B 224 -8.57 -0.40 15.99
N VAL B 225 -9.66 0.32 16.21
CA VAL B 225 -10.60 0.00 17.28
C VAL B 225 -11.78 -0.67 16.57
N GLY B 226 -12.01 -1.95 16.85
CA GLY B 226 -13.09 -2.66 16.19
C GLY B 226 -14.33 -2.83 17.05
N CYS B 227 -15.50 -2.50 16.51
CA CYS B 227 -16.75 -2.63 17.27
C CYS B 227 -17.76 -3.53 16.56
N PRO B 229 -19.11 -7.05 14.42
CA PRO B 229 -18.92 -8.49 14.61
C PRO B 229 -17.78 -9.08 13.83
N PHE B 231 -17.06 -12.20 13.39
CA PHE B 231 -17.37 -13.38 12.60
C PHE B 231 -17.70 -12.99 11.15
N HIS B 232 -17.95 -11.69 10.93
CA HIS B 232 -18.22 -11.17 9.60
C HIS B 232 -16.89 -10.89 8.92
N SER B 233 -16.81 -11.22 7.63
CA SER B 233 -15.57 -11.03 6.88
C SER B 233 -15.00 -9.59 6.89
N ALA B 234 -15.89 -8.61 6.99
CA ALA B 234 -15.50 -7.20 7.00
C ALA B 234 -14.62 -6.85 8.20
N GLU B 235 -15.15 -7.03 9.41
CA GLU B 235 -14.39 -6.73 10.60
C GLU B 235 -13.14 -7.62 10.64
N PHE B 236 -13.32 -8.91 10.34
CA PHE B 236 -12.18 -9.80 10.39
C PHE B 236 -11.12 -9.42 9.37
N GLY B 237 -11.56 -8.82 8.27
CA GLY B 237 -10.63 -8.41 7.24
C GLY B 237 -9.72 -7.35 7.85
N LEU B 238 -10.30 -6.50 8.70
CA LEU B 238 -9.53 -5.47 9.36
C LEU B 238 -8.61 -6.06 10.42
N VAL B 239 -9.07 -7.10 11.11
CA VAL B 239 -8.26 -7.75 12.14
C VAL B 239 -7.02 -8.35 11.51
N ASN B 240 -7.21 -9.00 10.37
CA ASN B 240 -6.14 -9.67 9.68
C ASN B 240 -5.04 -8.74 9.16
N LEU B 241 -5.24 -7.43 9.30
CA LEU B 241 -4.20 -6.49 8.85
C LEU B 241 -3.02 -6.58 9.82
N VAL B 243 -1.17 -8.93 11.05
CA VAL B 243 -0.08 -9.71 10.50
C VAL B 243 0.34 -9.33 9.08
N THR B 244 -0.33 -8.36 8.49
CA THR B 244 0.04 -7.94 7.14
C THR B 244 0.92 -6.68 7.21
N VAL B 245 0.43 -5.66 7.92
CA VAL B 245 1.16 -4.39 8.01
C VAL B 245 1.67 -4.04 9.42
N GLY B 246 1.36 -4.90 10.38
CA GLY B 246 1.82 -4.66 11.73
C GLY B 246 1.12 -3.63 12.57
N ASN B 247 -0.11 -3.27 12.20
CA ASN B 247 -0.85 -2.28 12.98
C ASN B 247 -1.33 -2.93 14.28
N GLU B 248 -1.93 -2.13 15.15
CA GLU B 248 -2.46 -2.65 16.39
C GLU B 248 -3.98 -2.70 16.28
N TYR B 249 -4.59 -3.73 16.86
CA TYR B 249 -6.03 -3.90 16.83
C TYR B 249 -6.54 -3.94 18.25
N VAL B 250 -7.62 -3.20 18.50
CA VAL B 250 -8.23 -3.15 19.82
C VAL B 250 -9.59 -3.85 19.76
N VAL B 251 -9.72 -4.93 20.50
CA VAL B 251 -10.95 -5.72 20.54
C VAL B 251 -12.00 -5.22 21.51
N GLY B 253 -15.78 -6.70 22.95
CA GLY B 253 -16.70 -7.82 23.02
C GLY B 253 -17.99 -7.58 22.28
N PHE B 255 -20.71 -4.12 20.56
CA PHE B 255 -20.84 -2.72 20.22
C PHE B 255 -21.52 -2.00 21.36
N ASN B 256 -20.87 -0.97 21.84
CA ASN B 256 -21.37 -0.14 22.92
C ASN B 256 -20.85 1.24 22.55
N GLN B 257 -21.74 2.10 22.07
CA GLN B 257 -21.37 3.43 21.62
C GLN B 257 -20.50 4.19 22.61
N GLU B 258 -20.92 4.22 23.86
CA GLU B 258 -20.17 4.92 24.90
C GLU B 258 -18.74 4.38 25.01
N LEU B 260 -17.08 2.62 22.81
CA LEU B 260 -16.37 2.82 21.55
C LEU B 260 -15.69 4.19 21.63
N ALA B 261 -16.44 5.21 22.05
CA ALA B 261 -15.93 6.58 22.20
C ALA B 261 -14.77 6.63 23.20
N GLU B 262 -14.89 5.89 24.30
CA GLU B 262 -13.84 5.86 25.31
C GLU B 262 -12.59 5.13 24.83
N ASN B 263 -12.79 3.97 24.20
CA ASN B 263 -11.66 3.20 23.71
C ASN B 263 -10.86 3.92 22.65
N ILE B 264 -11.54 4.66 21.77
CA ILE B 264 -10.81 5.39 20.73
C ILE B 264 -9.85 6.39 21.41
N GLU B 265 -10.31 7.01 22.49
CA GLU B 265 -9.49 7.95 23.25
C GLU B 265 -8.38 7.20 24.02
N LYS B 266 -8.78 6.31 24.91
CA LYS B 266 -7.85 5.55 25.73
C LYS B 266 -6.72 4.91 24.96
N TYR B 267 -7.03 4.27 23.84
CA TYR B 267 -6.02 3.60 23.05
C TYR B 267 -5.48 4.41 21.87
N LYS B 268 -5.81 5.70 21.83
CA LYS B 268 -5.38 6.59 20.76
C LYS B 268 -5.65 5.99 19.38
N GLY B 269 -6.90 5.61 19.13
CA GLY B 269 -7.27 5.00 17.87
C GLY B 269 -7.10 5.93 16.68
N THR B 270 -6.55 5.38 15.59
CA THR B 270 -6.34 6.16 14.38
C THR B 270 -7.39 5.82 13.32
N PHE B 271 -8.13 4.73 13.56
CA PHE B 271 -9.14 4.27 12.61
C PHE B 271 -10.23 3.39 13.22
N SER B 272 -11.46 3.56 12.74
CA SER B 272 -12.59 2.75 13.17
C SER B 272 -13.66 2.86 12.10
N TRP B 273 -14.65 1.98 12.17
CA TRP B 273 -15.74 1.97 11.22
C TRP B 273 -16.94 1.28 11.82
N ALA B 274 -18.11 1.57 11.27
CA ALA B 274 -19.34 0.95 11.73
C ALA B 274 -20.37 0.97 10.61
N VAL B 275 -21.34 0.07 10.65
CA VAL B 275 -22.40 0.09 9.66
C VAL B 275 -23.18 1.35 10.01
N PRO B 276 -23.89 1.94 9.04
CA PRO B 276 -24.68 3.16 9.24
C PRO B 276 -25.56 3.22 10.50
N PRO B 277 -26.44 2.24 10.71
CA PRO B 277 -27.27 2.31 11.93
C PRO B 277 -26.49 2.38 13.24
N ALA B 278 -25.30 1.80 13.28
CA ALA B 278 -24.48 1.84 14.48
C ALA B 278 -23.91 3.25 14.63
N LEU B 279 -23.49 3.84 13.51
CA LEU B 279 -22.94 5.19 13.53
C LEU B 279 -24.00 6.15 14.05
N ASN B 280 -25.26 5.90 13.69
CA ASN B 280 -26.36 6.75 14.11
C ASN B 280 -26.55 6.71 15.61
N VAL B 281 -26.38 5.52 16.20
CA VAL B 281 -26.50 5.35 17.64
C VAL B 281 -25.33 6.05 18.37
N LEU B 282 -24.13 5.96 17.80
CA LEU B 282 -22.96 6.61 18.37
C LEU B 282 -23.12 8.12 18.32
N VAL B 283 -23.57 8.64 17.18
CA VAL B 283 -23.79 10.08 17.03
C VAL B 283 -24.83 10.61 18.03
N ASN B 284 -25.94 9.90 18.18
CA ASN B 284 -26.97 10.35 19.12
C ASN B 284 -26.47 10.32 20.56
N THR B 285 -25.56 9.39 20.87
CA THR B 285 -25.03 9.28 22.22
C THR B 285 -24.02 10.38 22.51
N LEU B 286 -23.32 10.84 21.48
CA LEU B 286 -22.34 11.91 21.62
C LEU B 286 -23.09 13.22 21.74
N GLU B 287 -24.17 13.30 20.99
CA GLU B 287 -25.02 14.49 20.93
C GLU B 287 -25.72 14.82 22.26
N SER B 288 -26.20 13.78 22.96
CA SER B 288 -26.90 13.96 24.23
C SER B 288 -25.98 13.91 25.45
N SER B 289 -24.83 13.27 25.30
CA SER B 289 -23.88 13.15 26.40
C SER B 289 -23.30 14.51 26.81
N ASN B 290 -22.82 14.61 28.04
CA ASN B 290 -22.22 15.84 28.53
C ASN B 290 -20.73 15.60 28.69
N LYS B 291 -20.27 14.45 28.20
CA LYS B 291 -18.86 14.09 28.28
C LYS B 291 -18.04 14.74 27.20
N THR B 292 -16.73 14.70 27.37
CA THR B 292 -15.78 15.26 26.41
C THR B 292 -14.80 14.14 26.07
N TYR B 293 -14.46 14.00 24.80
CA TYR B 293 -13.55 12.93 24.39
C TYR B 293 -12.33 13.47 23.67
N ASP B 294 -11.32 12.63 23.55
CA ASP B 294 -10.11 13.03 22.87
C ASP B 294 -9.81 12.04 21.75
N TRP B 295 -10.27 12.37 20.56
CA TRP B 295 -10.08 11.54 19.38
C TRP B 295 -9.05 12.19 18.47
N SER B 296 -8.10 12.91 19.07
CA SER B 296 -7.09 13.63 18.30
C SER B 296 -6.23 12.79 17.39
N TYR B 297 -6.19 11.48 17.58
CA TYR B 297 -5.39 10.60 16.72
C TYR B 297 -6.23 9.92 15.65
N LEU B 298 -7.54 10.01 15.78
CA LEU B 298 -8.44 9.41 14.80
C LEU B 298 -8.42 10.20 13.47
N LYS B 299 -7.94 9.55 12.42
CA LYS B 299 -7.87 10.18 11.09
C LYS B 299 -9.13 9.92 10.27
N VAL B 300 -9.64 8.69 10.37
CA VAL B 300 -10.81 8.33 9.60
C VAL B 300 -11.75 7.39 10.32
N PHE B 301 -13.04 7.71 10.27
CA PHE B 301 -14.05 6.82 10.82
C PHE B 301 -14.84 6.43 9.56
N ALA B 302 -14.81 5.15 9.20
CA ALA B 302 -15.50 4.70 7.99
C ALA B 302 -16.80 3.95 8.24
N THR B 303 -17.57 3.79 7.16
CA THR B 303 -18.82 3.06 7.21
C THR B 303 -18.76 1.99 6.13
N GLY B 304 -19.59 0.97 6.28
CA GLY B 304 -19.61 -0.12 5.30
C GLY B 304 -20.96 -0.81 5.33
N ALA B 305 -21.03 -1.96 4.67
CA ALA B 305 -22.26 -2.77 4.59
C ALA B 305 -23.26 -2.10 3.65
N TRP B 306 -23.63 -0.86 3.94
CA TRP B 306 -24.55 -0.15 3.07
C TRP B 306 -24.34 1.35 3.12
N PRO B 307 -24.69 2.05 2.03
CA PRO B 307 -24.55 3.51 1.91
C PRO B 307 -25.08 4.30 3.10
N VAL B 308 -24.31 5.29 3.52
CA VAL B 308 -24.70 6.13 4.66
C VAL B 308 -25.27 7.43 4.14
N ALA B 309 -26.11 8.07 4.94
CA ALA B 309 -26.70 9.34 4.58
C ALA B 309 -25.65 10.42 4.77
N PRO B 310 -25.59 11.39 3.84
CA PRO B 310 -24.59 12.46 3.95
C PRO B 310 -24.81 13.28 5.21
N ALA B 311 -26.07 13.39 5.61
CA ALA B 311 -26.43 14.15 6.79
C ALA B 311 -25.83 13.52 8.05
N LEU B 312 -25.77 12.19 8.08
CA LEU B 312 -25.22 11.51 9.25
C LEU B 312 -23.72 11.73 9.33
N VAL B 313 -23.06 11.71 8.17
CA VAL B 313 -21.61 11.91 8.12
C VAL B 313 -21.24 13.32 8.60
N GLU B 314 -22.00 14.32 8.16
CA GLU B 314 -21.75 15.70 8.56
C GLU B 314 -21.88 15.85 10.05
N LYS B 315 -22.92 15.24 10.61
CA LYS B 315 -23.19 15.29 12.03
C LYS B 315 -22.02 14.71 12.83
N LEU B 316 -21.45 13.62 12.34
CA LEU B 316 -20.31 12.98 13.01
C LEU B 316 -19.10 13.90 13.06
N LEU B 317 -18.68 14.40 11.90
CA LEU B 317 -17.52 15.28 11.79
C LEU B 317 -17.68 16.56 12.60
N LYS B 318 -18.91 17.05 12.71
CA LYS B 318 -19.18 18.26 13.49
C LYS B 318 -19.05 17.94 14.98
N LEU B 319 -19.64 16.85 15.41
CA LEU B 319 -19.57 16.45 16.81
C LEU B 319 -18.13 16.11 17.20
N ALA B 320 -17.39 15.51 16.28
CA ALA B 320 -16.00 15.15 16.52
C ALA B 320 -15.19 16.41 16.76
N ALA B 321 -15.60 17.50 16.12
CA ALA B 321 -14.89 18.77 16.26
C ALA B 321 -15.33 19.56 17.48
N GLU B 322 -16.60 19.45 17.85
CA GLU B 322 -17.11 20.19 19.00
C GLU B 322 -16.99 19.44 20.31
N LYS B 323 -16.95 18.11 20.25
CA LYS B 323 -16.84 17.30 21.47
C LYS B 323 -15.73 16.25 21.53
N CYS B 324 -15.03 16.02 20.42
CA CYS B 324 -14.00 14.99 20.44
C CYS B 324 -12.59 15.45 20.18
N ASN B 325 -12.39 16.77 20.27
CA ASN B 325 -11.08 17.37 20.08
C ASN B 325 -10.47 16.86 18.79
N ASN B 326 -11.27 16.85 17.73
CA ASN B 326 -10.84 16.34 16.44
C ASN B 326 -11.55 17.06 15.30
N PRO B 327 -11.10 18.29 14.98
CA PRO B 327 -11.68 19.12 13.92
C PRO B 327 -11.23 18.73 12.52
N ARG B 328 -10.34 17.73 12.41
CA ARG B 328 -9.84 17.31 11.11
C ARG B 328 -10.27 15.91 10.68
N LEU B 329 -11.13 15.28 11.46
CA LEU B 329 -11.61 13.95 11.14
C LEU B 329 -12.22 13.88 9.75
N ARG B 330 -11.95 12.77 9.05
CA ARG B 330 -12.48 12.56 7.72
C ARG B 330 -13.29 11.27 7.68
N HIS B 331 -14.28 11.21 6.80
CA HIS B 331 -15.12 10.03 6.65
C HIS B 331 -14.77 9.34 5.34
N ASN B 332 -14.96 8.03 5.30
CA ASN B 332 -14.71 7.26 4.09
C ASN B 332 -15.56 6.01 4.19
N GLN B 333 -15.73 5.31 3.08
CA GLN B 333 -16.49 4.09 3.13
C GLN B 333 -15.93 3.07 2.18
N ILE B 334 -16.13 1.80 2.52
CA ILE B 334 -15.66 0.69 1.72
C ILE B 334 -16.90 -0.08 1.29
N TRP B 335 -16.92 -0.49 0.03
CA TRP B 335 -18.04 -1.23 -0.55
C TRP B 335 -17.55 -2.60 -1.00
N GLY B 336 -18.44 -3.58 -0.93
CA GLY B 336 -18.08 -4.93 -1.32
C GLY B 336 -19.09 -5.97 -0.87
N THR B 338 -19.36 -10.40 0.64
CA THR B 338 -18.66 -11.61 1.10
C THR B 338 -17.86 -12.33 0.02
N GLU B 339 -18.43 -12.44 -1.18
CA GLU B 339 -17.76 -13.12 -2.28
C GLU B 339 -16.43 -12.49 -2.66
N ALA B 340 -16.13 -11.35 -2.05
CA ALA B 340 -14.88 -10.65 -2.35
C ALA B 340 -13.91 -10.47 -1.18
N CYS B 341 -14.09 -11.26 -0.13
CA CYS B 341 -13.22 -11.26 1.07
C CYS B 341 -13.32 -10.24 2.19
N PRO B 342 -14.15 -9.18 2.07
CA PRO B 342 -15.00 -8.87 0.95
C PRO B 342 -14.83 -7.46 0.32
N VAL B 344 -13.90 -4.37 -1.96
CA VAL B 344 -13.82 -4.12 -3.38
C VAL B 344 -13.43 -2.69 -3.75
N THR B 345 -14.21 -1.71 -3.29
CA THR B 345 -13.95 -0.31 -3.59
C THR B 345 -13.88 0.60 -2.38
N THR B 346 -13.16 1.70 -2.55
CA THR B 346 -13.04 2.71 -1.51
C THR B 346 -12.52 3.99 -2.16
N ASN B 347 -12.72 5.11 -1.48
CA ASN B 347 -12.27 6.40 -2.00
C ASN B 347 -10.81 6.63 -1.67
N PRO B 348 -10.01 7.03 -2.68
CA PRO B 348 -8.60 7.28 -2.38
C PRO B 348 -8.50 8.54 -1.50
N PRO B 349 -7.50 8.59 -0.59
CA PRO B 349 -7.34 9.75 0.30
C PRO B 349 -7.25 11.08 -0.42
N LEU B 350 -6.78 11.05 -1.67
CA LEU B 350 -6.68 12.27 -2.45
C LEU B 350 -8.08 12.84 -2.73
N ARG B 351 -9.09 11.96 -2.75
CA ARG B 351 -10.47 12.38 -3.02
C ARG B 351 -11.49 11.99 -1.93
N LEU B 352 -11.16 12.26 -0.67
CA LEU B 352 -12.08 11.93 0.42
C LEU B 352 -13.36 12.77 0.32
N ASP B 353 -13.31 13.82 -0.49
CA ASP B 353 -14.48 14.68 -0.69
C ASP B 353 -15.60 13.88 -1.36
N LYS B 354 -15.24 12.76 -1.99
CA LYS B 354 -16.20 11.86 -2.66
C LYS B 354 -16.59 10.71 -1.71
N SER B 355 -16.46 10.94 -0.41
CA SER B 355 -16.76 9.91 0.59
C SER B 355 -18.21 9.46 0.63
N THR B 356 -19.08 10.13 -0.13
CA THR B 356 -20.48 9.77 -0.16
C THR B 356 -20.75 8.79 -1.31
N THR B 357 -19.71 8.49 -2.09
CA THR B 357 -19.82 7.52 -3.18
C THR B 357 -19.03 6.31 -2.68
N GLN B 358 -19.15 5.19 -3.39
CA GLN B 358 -18.46 3.97 -3.01
C GLN B 358 -17.02 3.87 -3.51
N GLY B 359 -16.48 4.98 -4.00
CA GLY B 359 -15.09 5.02 -4.47
C GLY B 359 -14.74 4.27 -5.72
N VAL B 360 -13.47 3.84 -5.79
CA VAL B 360 -12.95 3.11 -6.95
C VAL B 360 -12.39 1.76 -6.54
N PRO B 361 -12.17 0.88 -7.53
CA PRO B 361 -11.64 -0.46 -7.33
C PRO B 361 -10.28 -0.48 -6.64
N SER B 363 -6.58 -2.34 -5.60
CA SER B 363 -5.51 -2.94 -6.39
C SER B 363 -5.89 -4.20 -7.16
N ASP B 364 -5.61 -4.18 -8.45
CA ASP B 364 -5.86 -5.32 -9.33
C ASP B 364 -7.30 -5.78 -9.45
N ILE B 365 -8.26 -4.93 -9.10
CA ILE B 365 -9.65 -5.30 -9.26
C ILE B 365 -10.18 -4.57 -10.48
N GLU B 366 -10.84 -5.29 -11.37
CA GLU B 366 -11.40 -4.66 -12.56
C GLU B 366 -12.92 -4.69 -12.41
N LEU B 367 -13.53 -3.52 -12.49
CA LEU B 367 -14.97 -3.40 -12.33
C LEU B 367 -15.64 -2.85 -13.59
N LYS B 368 -16.75 -3.48 -13.98
CA LYS B 368 -17.53 -3.07 -15.14
C LYS B 368 -19.01 -3.00 -14.79
N VAL B 369 -19.76 -2.20 -15.55
CA VAL B 369 -21.19 -2.09 -15.36
C VAL B 369 -21.76 -2.80 -16.57
N ILE B 370 -22.54 -3.83 -16.31
CA ILE B 370 -23.13 -4.63 -17.37
C ILE B 370 -24.62 -4.37 -17.58
N SER B 371 -25.02 -4.25 -18.84
CA SER B 371 -26.43 -4.01 -19.20
C SER B 371 -27.38 -5.12 -18.75
N LEU B 372 -28.50 -4.74 -18.15
CA LEU B 372 -29.51 -5.69 -17.69
C LEU B 372 -30.38 -6.15 -18.88
N GLU B 373 -30.29 -5.42 -19.98
CA GLU B 373 -31.05 -5.73 -21.18
C GLU B 373 -30.38 -6.75 -22.10
N ASP B 374 -29.13 -6.51 -22.45
CA ASP B 374 -28.41 -7.39 -23.35
C ASP B 374 -27.04 -7.85 -22.88
N GLY B 375 -26.65 -7.43 -21.69
CA GLY B 375 -25.36 -7.85 -21.17
C GLY B 375 -24.11 -7.13 -21.66
N ARG B 376 -24.25 -6.16 -22.56
CA ARG B 376 -23.06 -5.45 -23.04
C ARG B 376 -22.47 -4.55 -21.95
N GLU B 377 -21.22 -4.17 -22.10
CA GLU B 377 -20.58 -3.29 -21.12
C GLU B 377 -21.09 -1.87 -21.34
N LEU B 378 -21.50 -1.21 -20.25
CA LEU B 378 -22.02 0.13 -20.34
C LEU B 378 -20.94 1.17 -20.10
N GLY B 379 -21.23 2.40 -20.48
CA GLY B 379 -20.29 3.48 -20.30
C GLY B 379 -20.61 4.32 -19.07
N VAL B 380 -19.94 5.45 -18.96
CA VAL B 380 -20.12 6.37 -17.86
C VAL B 380 -21.55 6.87 -17.73
N GLY B 381 -22.03 6.92 -16.48
CA GLY B 381 -23.37 7.40 -16.21
C GLY B 381 -24.51 6.43 -16.43
N GLU B 382 -24.21 5.25 -16.98
CA GLU B 382 -25.26 4.28 -17.25
C GLU B 382 -25.37 3.20 -16.18
N SER B 383 -26.59 2.99 -15.69
CA SER B 383 -26.87 1.98 -14.68
C SER B 383 -26.96 0.57 -15.24
N GLY B 384 -26.47 -0.39 -14.47
CA GLY B 384 -26.48 -1.79 -14.89
C GLY B 384 -25.87 -2.61 -13.77
N GLU B 385 -25.83 -3.92 -13.92
CA GLU B 385 -25.27 -4.76 -12.87
C GLU B 385 -23.76 -4.61 -12.83
N ILE B 386 -23.23 -4.44 -11.63
CA ILE B 386 -21.80 -4.29 -11.40
C ILE B 386 -21.16 -5.67 -11.39
N VAL B 387 -20.06 -5.83 -12.12
CA VAL B 387 -19.36 -7.10 -12.19
C VAL B 387 -17.90 -6.87 -11.84
N ILE B 388 -17.29 -7.82 -11.13
CA ILE B 388 -15.90 -7.66 -10.70
C ILE B 388 -14.97 -8.86 -10.86
N ARG B 389 -13.71 -8.55 -11.10
CA ARG B 389 -12.68 -9.54 -11.31
C ARG B 389 -11.49 -9.10 -10.48
N GLY B 390 -10.80 -10.06 -9.89
CA GLY B 390 -9.65 -9.73 -9.07
C GLY B 390 -9.14 -10.95 -8.32
N PRO B 391 -7.94 -10.85 -7.72
CA PRO B 391 -7.40 -12.00 -6.98
C PRO B 391 -8.20 -12.35 -5.73
N ASN B 392 -9.05 -11.44 -5.30
CA ASN B 392 -9.87 -11.64 -4.11
C ASN B 392 -11.26 -12.21 -4.34
N ILE B 393 -11.63 -12.45 -5.61
CA ILE B 393 -12.94 -13.00 -5.94
C ILE B 393 -13.04 -14.49 -5.53
N PHE B 394 -14.06 -14.83 -4.75
CA PHE B 394 -14.23 -16.21 -4.26
C PHE B 394 -14.10 -17.32 -5.30
N LYS B 395 -13.90 -18.54 -4.81
CA LYS B 395 -13.75 -19.73 -5.65
C LYS B 395 -15.13 -20.21 -6.12
N GLY B 396 -16.11 -20.09 -5.25
CA GLY B 396 -17.46 -20.50 -5.58
C GLY B 396 -18.22 -20.82 -4.31
N TYR B 397 -19.52 -21.06 -4.43
CA TYR B 397 -20.34 -21.36 -3.27
C TYR B 397 -20.24 -22.82 -2.88
N TRP B 398 -20.28 -23.08 -1.57
CA TRP B 398 -20.18 -24.45 -1.08
C TRP B 398 -21.52 -25.16 -1.24
N LYS B 399 -21.49 -26.34 -1.85
CA LYS B 399 -22.68 -27.15 -2.08
C LYS B 399 -23.83 -26.36 -2.70
N ARG B 400 -23.54 -25.64 -3.78
CA ARG B 400 -24.54 -24.87 -4.47
C ARG B 400 -24.22 -24.91 -5.97
N GLU B 401 -24.27 -26.11 -6.55
CA GLU B 401 -24.00 -26.30 -7.97
C GLU B 401 -24.69 -25.28 -8.86
N LYS B 402 -26.00 -25.17 -8.70
CA LYS B 402 -26.77 -24.25 -9.50
C LYS B 402 -26.21 -22.83 -9.47
N GLU B 403 -26.22 -22.20 -8.30
CA GLU B 403 -25.73 -20.84 -8.18
C GLU B 403 -24.32 -20.64 -8.74
N ASN B 404 -23.46 -21.64 -8.56
CA ASN B 404 -22.09 -21.56 -9.04
C ASN B 404 -21.98 -21.41 -10.54
N GLN B 405 -23.09 -21.58 -11.25
CA GLN B 405 -23.09 -21.46 -12.70
C GLN B 405 -24.00 -20.39 -13.25
N GLU B 406 -24.37 -19.42 -12.42
CA GLU B 406 -25.27 -18.34 -12.85
C GLU B 406 -24.80 -16.94 -12.50
N CYS B 407 -23.71 -16.82 -11.74
CA CYS B 407 -23.20 -15.51 -11.34
C CYS B 407 -21.94 -15.08 -12.06
N TRP B 408 -21.79 -15.50 -13.31
CA TRP B 408 -20.58 -15.16 -14.03
C TRP B 408 -20.76 -14.35 -15.31
N TRP B 409 -19.71 -13.63 -15.68
CA TRP B 409 -19.68 -12.80 -16.88
C TRP B 409 -18.26 -12.86 -17.45
N TYR B 410 -18.12 -13.17 -18.73
CA TYR B 410 -16.77 -13.24 -19.31
C TYR B 410 -16.59 -12.18 -20.35
N ASP B 411 -15.38 -11.64 -20.45
CA ASP B 411 -15.05 -10.62 -21.44
C ASP B 411 -14.51 -11.28 -22.70
N GLU B 412 -14.03 -10.46 -23.62
CA GLU B 412 -13.48 -10.92 -24.90
C GLU B 412 -12.25 -11.83 -24.76
N LYS B 413 -11.45 -11.62 -23.73
CA LYS B 413 -10.24 -12.42 -23.53
C LYS B 413 -10.42 -13.65 -22.63
N GLY B 414 -11.66 -14.01 -22.34
CA GLY B 414 -11.89 -15.18 -21.51
C GLY B 414 -11.78 -14.93 -20.01
N ARG B 415 -11.67 -13.67 -19.61
CA ARG B 415 -11.55 -13.34 -18.19
C ARG B 415 -12.90 -13.39 -17.48
N LYS B 416 -12.91 -14.02 -16.31
CA LYS B 416 -14.11 -14.19 -15.50
C LYS B 416 -14.43 -13.06 -14.51
N PHE B 417 -15.66 -12.56 -14.58
CA PHE B 417 -16.12 -11.49 -13.71
C PHE B 417 -17.28 -12.02 -12.87
N PHE B 418 -17.44 -11.47 -11.67
CA PHE B 418 -18.51 -11.89 -10.79
C PHE B 418 -19.68 -10.92 -10.85
N ARG B 419 -20.88 -11.47 -11.06
CA ARG B 419 -22.10 -10.67 -11.09
C ARG B 419 -22.46 -10.46 -9.61
N THR B 420 -22.30 -9.22 -9.15
CA THR B 420 -22.58 -8.87 -7.76
C THR B 420 -24.03 -8.88 -7.34
N GLY B 421 -24.94 -8.79 -8.31
CA GLY B 421 -26.35 -8.74 -7.98
C GLY B 421 -26.71 -7.33 -7.56
N ASP B 422 -25.75 -6.41 -7.72
CA ASP B 422 -25.96 -5.01 -7.38
C ASP B 422 -25.98 -4.13 -8.62
N VAL B 423 -26.88 -3.14 -8.59
CA VAL B 423 -27.02 -2.20 -9.69
C VAL B 423 -26.39 -0.87 -9.29
N GLY B 424 -25.75 -0.21 -10.24
CA GLY B 424 -25.13 1.06 -9.97
C GLY B 424 -24.49 1.61 -11.23
N PHE B 425 -23.80 2.74 -11.13
CA PHE B 425 -23.16 3.35 -12.29
C PHE B 425 -21.86 4.04 -11.91
N ILE B 426 -21.03 4.32 -12.91
CA ILE B 426 -19.76 4.98 -12.66
C ILE B 426 -19.90 6.41 -13.14
N ASP B 427 -19.51 7.38 -12.32
CA ASP B 427 -19.62 8.79 -12.70
C ASP B 427 -18.44 9.28 -13.55
N GLU B 428 -18.50 10.55 -13.94
CA GLU B 428 -17.47 11.18 -14.77
C GLU B 428 -16.09 11.18 -14.16
N GLU B 429 -16.02 11.04 -12.84
CA GLU B 429 -14.74 11.05 -12.17
C GLU B 429 -14.21 9.63 -11.95
N GLY B 430 -15.02 8.66 -12.37
CA GLY B 430 -14.64 7.26 -12.25
C GLY B 430 -15.08 6.62 -10.93
N PHE B 431 -15.91 7.32 -10.17
CA PHE B 431 -16.36 6.79 -8.90
C PHE B 431 -17.67 6.00 -8.97
N LEU B 432 -17.73 4.91 -8.20
CA LEU B 432 -18.90 4.05 -8.18
C LEU B 432 -20.05 4.53 -7.32
N HIS B 433 -21.25 4.46 -7.88
CA HIS B 433 -22.46 4.84 -7.19
C HIS B 433 -23.34 3.60 -7.11
N PHE B 434 -23.37 2.98 -5.94
CA PHE B 434 -24.20 1.81 -5.73
C PHE B 434 -25.64 2.32 -5.58
N GLN B 435 -26.56 1.82 -6.39
CA GLN B 435 -27.94 2.27 -6.34
C GLN B 435 -28.88 1.36 -5.57
N ASP B 436 -28.85 0.07 -5.90
CA ASP B 436 -29.70 -0.89 -5.21
C ASP B 436 -29.37 -2.30 -5.68
N ARG B 437 -29.92 -3.29 -5.00
CA ARG B 437 -29.71 -4.68 -5.39
C ARG B 437 -30.77 -5.01 -6.42
N VAL B 438 -30.60 -6.12 -7.13
CA VAL B 438 -31.60 -6.55 -8.09
C VAL B 438 -32.50 -7.52 -7.33
N LYS B 439 -33.81 -7.30 -7.37
CA LYS B 439 -34.73 -8.19 -6.67
C LYS B 439 -35.67 -8.90 -7.64
N PRO B 451 -38.45 -14.72 8.10
CA PRO B 451 -39.65 -14.97 7.29
C PRO B 451 -39.79 -16.43 6.84
N PHE B 452 -39.03 -16.82 5.82
CA PHE B 452 -39.08 -18.20 5.33
C PHE B 452 -38.40 -19.11 6.34
N GLU B 453 -37.32 -18.63 6.95
CA GLU B 453 -36.60 -19.40 7.94
C GLU B 453 -37.56 -19.73 9.08
N LEU B 454 -38.40 -18.76 9.45
CA LEU B 454 -39.38 -18.93 10.52
C LEU B 454 -40.39 -20.02 10.19
N GLU B 455 -40.83 -20.06 8.93
CA GLU B 455 -41.79 -21.07 8.52
C GLU B 455 -41.11 -22.41 8.57
N ALA B 456 -39.89 -22.50 8.03
CA ALA B 456 -39.13 -23.73 8.03
C ALA B 456 -38.95 -24.23 9.47
N LEU B 457 -38.79 -23.29 10.40
CA LEU B 457 -38.60 -23.63 11.80
C LEU B 457 -39.89 -24.21 12.37
N LEU B 458 -40.96 -23.39 12.25
CA LEU B 458 -42.37 -23.63 12.73
C LEU B 458 -42.95 -24.94 12.22
N LYS B 460 -41.39 -27.65 11.95
CA LYS B 460 -40.89 -28.81 12.69
C LYS B 460 -41.65 -28.97 14.00
N HIS B 461 -42.47 -27.97 14.35
CA HIS B 461 -43.22 -28.09 15.60
C HIS B 461 -44.24 -29.19 15.34
N GLU B 462 -44.21 -30.22 16.18
CA GLU B 462 -45.10 -31.38 16.02
C GLU B 462 -46.58 -31.09 15.79
N ALA B 463 -47.09 -30.03 16.41
CA ALA B 463 -48.50 -29.64 16.30
C ALA B 463 -48.84 -28.91 15.02
N VAL B 464 -47.81 -28.56 14.27
CA VAL B 464 -48.01 -27.83 13.02
C VAL B 464 -48.27 -28.65 11.75
N ASP B 466 -49.40 -26.62 8.84
CA ASP B 466 -49.08 -25.66 7.81
C ASP B 466 -48.82 -24.29 8.43
N VAL B 467 -47.75 -23.65 7.98
CA VAL B 467 -47.40 -22.35 8.51
C VAL B 467 -47.13 -21.31 7.42
N ALA B 468 -47.51 -20.07 7.72
CA ALA B 468 -47.30 -18.95 6.81
C ALA B 468 -46.92 -17.75 7.65
N VAL B 469 -45.77 -17.16 7.36
CA VAL B 469 -45.30 -16.01 8.11
C VAL B 469 -45.29 -14.75 7.24
N ILE B 470 -45.69 -13.63 7.82
CA ILE B 470 -45.72 -12.36 7.11
C ILE B 470 -45.23 -11.25 8.03
N GLY B 471 -44.91 -10.10 7.42
CA GLY B 471 -44.46 -8.96 8.21
C GLY B 471 -45.69 -8.31 8.81
N LYS B 472 -45.51 -7.54 9.88
CA LYS B 472 -46.64 -6.89 10.53
C LYS B 472 -46.16 -5.69 11.36
N PRO B 473 -46.34 -4.47 10.86
CA PRO B 473 -45.92 -3.25 11.57
C PRO B 473 -46.66 -3.05 12.89
N VAL B 480 -41.51 -6.86 13.21
CA VAL B 480 -42.43 -7.72 13.97
C VAL B 480 -43.11 -8.73 13.06
N PRO B 481 -42.66 -9.99 13.08
CA PRO B 481 -43.27 -11.03 12.25
C PRO B 481 -44.48 -11.65 12.92
N LYS B 482 -45.44 -12.11 12.13
CA LYS B 482 -46.64 -12.74 12.66
C LYS B 482 -46.87 -14.03 11.89
N ALA B 483 -47.16 -15.11 12.60
CA ALA B 483 -47.37 -16.41 11.95
C ALA B 483 -48.82 -16.88 11.97
N PHE B 484 -49.24 -17.47 10.84
CA PHE B 484 -50.58 -18.02 10.70
C PHE B 484 -50.36 -19.53 10.65
N ILE B 485 -50.76 -20.21 11.71
CA ILE B 485 -50.55 -21.65 11.79
C ILE B 485 -51.84 -22.45 11.69
N VAL B 486 -51.71 -23.66 11.15
CA VAL B 486 -52.83 -24.57 11.01
C VAL B 486 -52.55 -25.80 11.87
N LEU B 487 -53.03 -25.76 13.10
CA LEU B 487 -52.84 -26.85 14.05
C LEU B 487 -53.43 -28.15 13.55
N LYS B 488 -52.76 -29.26 13.84
CA LYS B 488 -53.29 -30.56 13.46
C LYS B 488 -54.50 -30.68 14.37
N PRO B 489 -55.67 -31.04 13.82
CA PRO B 489 -56.88 -31.17 14.65
C PRO B 489 -56.60 -31.75 16.04
N GLU B 490 -55.62 -32.65 16.09
CA GLU B 490 -55.22 -33.34 17.31
C GLU B 490 -54.55 -32.45 18.38
N TYR B 491 -54.22 -31.21 18.01
CA TYR B 491 -53.56 -30.32 18.96
C TYR B 491 -54.36 -29.07 19.35
N ARG B 492 -55.49 -28.83 18.70
CA ARG B 492 -56.29 -27.66 19.04
C ARG B 492 -56.62 -27.61 20.54
N GLY B 493 -56.40 -26.44 21.14
CA GLY B 493 -56.67 -26.29 22.56
C GLY B 493 -55.59 -26.87 23.44
N LYS B 494 -54.64 -27.59 22.85
CA LYS B 494 -53.54 -28.18 23.60
C LYS B 494 -52.32 -27.27 23.55
N VAL B 495 -52.29 -26.38 22.57
CA VAL B 495 -51.18 -25.43 22.42
C VAL B 495 -51.73 -24.05 22.07
N ASP B 496 -51.44 -23.07 22.91
CA ASP B 496 -51.91 -21.71 22.68
C ASP B 496 -50.90 -20.88 21.92
N GLU B 497 -51.27 -19.64 21.60
CA GLU B 497 -50.40 -18.75 20.86
C GLU B 497 -49.13 -18.40 21.63
N GLU B 498 -49.15 -18.67 22.94
CA GLU B 498 -48.01 -18.38 23.80
C GLU B 498 -46.97 -19.48 23.72
N ASP B 499 -47.42 -20.73 23.71
CA ASP B 499 -46.51 -21.86 23.64
C ASP B 499 -45.64 -21.79 22.40
N ILE B 500 -46.21 -21.28 21.31
CA ILE B 500 -45.47 -21.15 20.05
C ILE B 500 -44.42 -20.04 20.15
N ILE B 501 -44.85 -18.88 20.64
CA ILE B 501 -43.96 -17.74 20.81
C ILE B 501 -42.70 -18.12 21.57
N GLU B 502 -42.88 -18.78 22.72
CA GLU B 502 -41.77 -19.20 23.56
C GLU B 502 -40.89 -20.23 22.84
N TRP B 503 -41.55 -21.19 22.20
CA TRP B 503 -40.87 -22.24 21.46
C TRP B 503 -39.88 -21.69 20.42
N VAL B 504 -40.35 -20.75 19.61
CA VAL B 504 -39.52 -20.12 18.58
C VAL B 504 -38.41 -19.27 19.19
N ARG B 505 -38.73 -18.58 20.28
CA ARG B 505 -37.77 -17.73 20.97
C ARG B 505 -36.53 -18.52 21.38
N GLU B 506 -36.76 -19.78 21.76
CA GLU B 506 -35.68 -20.64 22.21
C GLU B 506 -34.93 -21.29 21.06
N ARG B 507 -35.38 -21.06 19.83
CA ARG B 507 -34.72 -21.70 18.69
C ARG B 507 -34.14 -20.83 17.59
N ILE B 508 -34.47 -19.54 17.59
CA ILE B 508 -33.96 -18.65 16.56
C ILE B 508 -33.57 -17.31 17.20
N SER B 509 -32.61 -16.61 16.60
CA SER B 509 -32.16 -15.33 17.13
C SER B 509 -33.28 -14.28 17.21
N ARG B 515 -35.39 -12.05 14.90
CA ARG B 515 -36.08 -12.92 13.94
C ARG B 515 -37.33 -13.57 14.54
N GLU B 516 -37.28 -13.88 15.83
CA GLU B 516 -38.39 -14.53 16.51
C GLU B 516 -39.76 -14.00 16.15
N VAL B 517 -40.75 -14.90 16.10
CA VAL B 517 -42.12 -14.52 15.79
C VAL B 517 -42.69 -13.77 16.99
N GLU B 518 -43.39 -12.67 16.71
CA GLU B 518 -43.96 -11.86 17.78
C GLU B 518 -45.40 -12.23 18.15
N PHE B 519 -46.27 -12.36 17.16
CA PHE B 519 -47.67 -12.72 17.44
C PHE B 519 -48.11 -13.89 16.57
N VAL B 520 -48.86 -14.81 17.17
CA VAL B 520 -49.35 -15.99 16.46
C VAL B 520 -50.88 -16.02 16.40
N GLU B 521 -51.40 -16.48 15.26
CA GLU B 521 -52.84 -16.59 15.06
C GLU B 521 -53.15 -17.91 14.37
N GLU B 522 -53.92 -18.75 15.05
CA GLU B 522 -54.27 -20.06 14.54
C GLU B 522 -55.60 -20.06 13.78
N LEU B 523 -55.74 -20.96 12.81
CA LEU B 523 -56.95 -21.04 12.01
C LEU B 523 -56.93 -22.28 11.09
N PRO B 524 -58.12 -22.72 10.62
CA PRO B 524 -58.22 -23.89 9.74
C PRO B 524 -57.52 -23.70 8.41
#